data_3ANS
#
_entry.id   3ANS
#
_cell.length_a   129.630
_cell.length_b   80.350
_cell.length_c   88.690
_cell.angle_alpha   90.000
_cell.angle_beta   126.200
_cell.angle_gamma   90.000
#
_symmetry.space_group_name_H-M   'C 1 2 1'
#
loop_
_entity.id
_entity.type
_entity.pdbx_description
1 polymer 'Epoxide hydrolase 2'
2 non-polymer 4-cyano-N-[(1S,2R)-2-phenylcyclopropyl]benzamide
3 water water
#
_entity_poly.entity_id   1
_entity_poly.type   'polypeptide(L)'
_entity_poly.pdbx_seq_one_letter_code
;MKKGHHHHHHTSCNPSDMSHGYVTVKPRVRLHFVELGSGPAVCLCHGFPESWYSWRYQIPALAQAGYRVLAMDMKGYGES
SAPPEIEEYCMEVLCKEMVTFLDKLGLSQAVFIGHDWGGMLVWYMALFYPERVRAVASLNTPFIPANPNMSPLESIKANP
VFDYQLYFQEPGVAEAELEQNLSRTFKSLFRASDESVLSMHKVCEAGGLFVNSPEEPSLSRMVTEEEIQFYVQQFKKSGF
RGPLNWYRNMERNWKWACKSLGRKILIPALMVTAEKDFVLVPQMSQHMEDWIPHLKRGHIEDCGHWTQMDKPTEVNQILI
KWLDSDARNPPVVSKM
;
_entity_poly.pdbx_strand_id   A,B
#
loop_
_chem_comp.id
_chem_comp.type
_chem_comp.name
_chem_comp.formula
S38 non-polymer 4-cyano-N-[(1S,2R)-2-phenylcyclopropyl]benzamide 'C17 H14 N2 O'
#
# COMPACT_ATOMS: atom_id res chain seq x y z
N CYS A 13 -7.25 -15.81 8.44
CA CYS A 13 -6.73 -14.50 7.97
C CYS A 13 -7.78 -13.41 8.17
N ASN A 14 -7.39 -12.34 8.86
CA ASN A 14 -8.26 -11.21 9.13
C ASN A 14 -7.90 -10.04 8.21
N PRO A 15 -8.82 -9.68 7.30
CA PRO A 15 -8.60 -8.61 6.32
C PRO A 15 -8.25 -7.27 6.96
N SER A 16 -8.93 -6.92 8.05
CA SER A 16 -8.68 -5.65 8.76
C SER A 16 -7.29 -5.62 9.41
N ASP A 17 -6.64 -6.77 9.51
CA ASP A 17 -5.25 -6.82 9.97
C ASP A 17 -4.25 -6.62 8.84
N MET A 18 -4.76 -6.40 7.63
CA MET A 18 -3.92 -6.24 6.46
C MET A 18 -3.84 -4.77 6.00
N SER A 19 -2.73 -4.41 5.35
CA SER A 19 -2.59 -3.14 4.67
C SER A 19 -3.24 -3.25 3.29
N HIS A 20 -4.13 -2.32 2.99
CA HIS A 20 -4.85 -2.32 1.72
C HIS A 20 -4.37 -1.17 0.87
N GLY A 21 -3.95 -1.48 -0.35
CA GLY A 21 -3.43 -0.50 -1.30
C GLY A 21 -4.35 -0.34 -2.50
N TYR A 22 -4.33 0.84 -3.10
CA TYR A 22 -5.20 1.15 -4.21
C TYR A 22 -4.43 1.98 -5.22
N VAL A 23 -4.46 1.53 -6.49
CA VAL A 23 -3.75 2.20 -7.57
C VAL A 23 -4.73 2.43 -8.71
N THR A 24 -4.94 3.69 -9.09
CA THR A 24 -5.74 4.03 -10.28
C THR A 24 -4.86 3.83 -11.49
N VAL A 25 -5.23 2.91 -12.36
CA VAL A 25 -4.40 2.61 -13.54
C VAL A 25 -4.89 3.33 -14.79
N LYS A 26 -6.15 3.76 -14.74
CA LYS A 26 -6.74 4.65 -15.73
C LYS A 26 -8.03 5.22 -15.11
N PRO A 27 -8.58 6.32 -15.69
CA PRO A 27 -9.75 7.01 -15.13
C PRO A 27 -10.82 6.11 -14.50
N ARG A 28 -11.29 5.12 -15.26
CA ARG A 28 -12.38 4.27 -14.80
C ARG A 28 -11.93 3.17 -13.83
N VAL A 29 -10.63 2.89 -13.79
CA VAL A 29 -10.14 1.60 -13.29
C VAL A 29 -9.07 1.70 -12.21
N ARG A 30 -9.40 1.21 -11.02
CA ARG A 30 -8.40 1.07 -9.97
C ARG A 30 -8.27 -0.36 -9.51
N LEU A 31 -7.05 -0.72 -9.13
CA LEU A 31 -6.78 -2.06 -8.64
C LEU A 31 -6.47 -1.99 -7.17
N HIS A 32 -7.10 -2.89 -6.44
CA HIS A 32 -6.85 -3.07 -5.02
C HIS A 32 -5.90 -4.24 -4.80
N PHE A 33 -5.04 -4.12 -3.79
CA PHE A 33 -4.19 -5.20 -3.36
C PHE A 33 -3.97 -5.19 -1.86
N VAL A 34 -3.57 -6.33 -1.33
CA VAL A 34 -3.13 -6.40 0.05
C VAL A 34 -1.61 -6.55 0.03
N GLU A 35 -0.94 -5.93 0.98
CA GLU A 35 0.50 -5.84 0.98
C GLU A 35 1.06 -6.27 2.34
N LEU A 36 2.04 -7.17 2.33
CA LEU A 36 2.69 -7.62 3.58
C LEU A 36 4.15 -7.97 3.34
N GLY A 37 5.01 -7.49 4.23
CA GLY A 37 6.41 -7.88 4.17
C GLY A 37 7.35 -6.86 3.57
N SER A 38 8.63 -7.13 3.73
CA SER A 38 9.68 -6.30 3.15
C SER A 38 10.54 -7.22 2.31
N GLY A 39 11.25 -6.64 1.36
CA GLY A 39 12.12 -7.40 0.49
C GLY A 39 11.67 -7.30 -0.96
N PRO A 40 12.15 -8.23 -1.82
CA PRO A 40 11.81 -8.19 -3.24
C PRO A 40 10.30 -8.33 -3.46
N ALA A 41 9.77 -7.53 -4.38
CA ALA A 41 8.33 -7.52 -4.67
C ALA A 41 7.84 -8.80 -5.36
N VAL A 42 6.83 -9.43 -4.78
CA VAL A 42 6.22 -10.61 -5.37
C VAL A 42 4.72 -10.32 -5.53
N CYS A 43 4.25 -10.31 -6.77
CA CYS A 43 2.86 -9.99 -7.08
C CYS A 43 2.07 -11.28 -7.32
N LEU A 44 1.06 -11.51 -6.50
CA LEU A 44 0.23 -12.74 -6.58
C LEU A 44 -1.06 -12.47 -7.34
N CYS A 45 -1.35 -13.29 -8.35
CA CYS A 45 -2.50 -13.05 -9.22
C CYS A 45 -3.42 -14.27 -9.21
N HIS A 46 -4.60 -14.12 -8.59
CA HIS A 46 -5.57 -15.21 -8.45
C HIS A 46 -6.32 -15.53 -9.75
N GLY A 47 -7.11 -16.60 -9.70
CA GLY A 47 -7.89 -17.06 -10.85
C GLY A 47 -9.38 -16.87 -10.67
N PHE A 48 -10.14 -17.65 -11.43
CA PHE A 48 -11.61 -17.56 -11.44
C PHE A 48 -12.25 -18.67 -10.59
N PRO A 49 -13.28 -18.32 -9.78
CA PRO A 49 -13.73 -16.97 -9.47
C PRO A 49 -13.28 -16.62 -8.06
N GLU A 50 -12.11 -16.00 -7.93
CA GLU A 50 -11.47 -15.98 -6.62
C GLU A 50 -11.25 -14.56 -6.08
N SER A 51 -10.12 -14.35 -5.39
CA SER A 51 -9.88 -13.14 -4.59
C SER A 51 -8.42 -13.08 -4.14
N TRP A 52 -7.97 -11.89 -3.72
CA TRP A 52 -6.67 -11.79 -3.05
C TRP A 52 -6.60 -12.82 -1.93
N TYR A 53 -7.75 -13.06 -1.33
CA TYR A 53 -7.88 -13.93 -0.16
C TYR A 53 -7.59 -15.41 -0.46
N SER A 54 -7.64 -15.81 -1.74
CA SER A 54 -7.27 -17.19 -2.10
C SER A 54 -5.80 -17.46 -1.82
N TRP A 55 -5.04 -16.38 -1.66
CA TRP A 55 -3.63 -16.46 -1.29
C TRP A 55 -3.37 -16.36 0.23
N ARG A 56 -4.43 -16.43 1.04
CA ARG A 56 -4.31 -16.20 2.50
C ARG A 56 -3.21 -17.01 3.21
N TYR A 57 -2.95 -18.24 2.74
CA TYR A 57 -1.90 -19.07 3.32
C TYR A 57 -0.50 -18.73 2.85
N GLN A 58 -0.39 -18.21 1.63
CA GLN A 58 0.91 -17.83 1.07
C GLN A 58 1.37 -16.45 1.52
N ILE A 59 0.43 -15.55 1.74
CA ILE A 59 0.80 -14.16 2.09
C ILE A 59 1.73 -14.11 3.31
N PRO A 60 1.30 -14.63 4.48
CA PRO A 60 2.26 -14.56 5.60
C PRO A 60 3.52 -15.40 5.43
N ALA A 61 3.41 -16.57 4.79
CA ALA A 61 4.57 -17.43 4.57
C ALA A 61 5.66 -16.76 3.71
N LEU A 62 5.24 -16.15 2.59
CA LEU A 62 6.19 -15.47 1.73
C LEU A 62 6.79 -14.23 2.42
N ALA A 63 5.95 -13.48 3.15
CA ALA A 63 6.45 -12.31 3.88
C ALA A 63 7.49 -12.72 4.91
N GLN A 64 7.20 -13.80 5.65
CA GLN A 64 8.17 -14.34 6.61
C GLN A 64 9.45 -14.87 5.95
N ALA A 65 9.32 -15.38 4.73
CA ALA A 65 10.47 -15.87 3.97
C ALA A 65 11.36 -14.74 3.47
N GLY A 66 10.94 -13.49 3.68
CA GLY A 66 11.72 -12.32 3.30
C GLY A 66 11.27 -11.62 2.03
N TYR A 67 9.97 -11.65 1.73
CA TYR A 67 9.46 -10.98 0.53
C TYR A 67 8.37 -9.95 0.81
N ARG A 68 8.27 -8.98 -0.10
CA ARG A 68 7.20 -8.00 -0.05
C ARG A 68 6.10 -8.51 -0.97
N VAL A 69 5.00 -8.96 -0.37
CA VAL A 69 3.92 -9.64 -1.10
C VAL A 69 2.84 -8.61 -1.46
N LEU A 70 2.48 -8.57 -2.74
CA LEU A 70 1.32 -7.81 -3.22
C LEU A 70 0.31 -8.79 -3.76
N ALA A 71 -0.78 -8.99 -3.01
CA ALA A 71 -1.82 -9.93 -3.42
C ALA A 71 -2.96 -9.12 -4.01
N MET A 72 -3.17 -9.28 -5.32
CA MET A 72 -4.12 -8.45 -6.06
C MET A 72 -5.54 -8.92 -5.87
N ASP A 73 -6.48 -7.99 -5.94
CA ASP A 73 -7.80 -8.33 -6.48
C ASP A 73 -7.63 -8.05 -7.97
N MET A 74 -7.77 -9.07 -8.80
CA MET A 74 -7.62 -8.84 -10.24
C MET A 74 -8.81 -8.02 -10.74
N LYS A 75 -8.64 -7.41 -11.91
CA LYS A 75 -9.71 -6.59 -12.49
C LYS A 75 -10.98 -7.42 -12.59
N GLY A 76 -12.10 -6.85 -12.13
CA GLY A 76 -13.39 -7.54 -12.10
C GLY A 76 -13.78 -8.09 -10.72
N TYR A 77 -12.87 -8.02 -9.75
CA TYR A 77 -13.00 -8.72 -8.45
C TYR A 77 -12.82 -7.83 -7.23
N GLY A 78 -13.56 -8.17 -6.18
CA GLY A 78 -13.38 -7.61 -4.85
C GLY A 78 -13.45 -6.10 -4.88
N GLU A 79 -12.40 -5.46 -4.38
CA GLU A 79 -12.37 -3.99 -4.31
C GLU A 79 -11.79 -3.32 -5.56
N SER A 80 -11.39 -4.13 -6.55
CA SER A 80 -10.89 -3.56 -7.80
C SER A 80 -12.09 -3.24 -8.68
N SER A 81 -11.90 -2.34 -9.65
CA SER A 81 -12.97 -1.95 -10.56
C SER A 81 -13.40 -3.13 -11.43
N ALA A 82 -14.69 -3.15 -11.76
CA ALA A 82 -15.27 -4.19 -12.59
C ALA A 82 -16.17 -3.55 -13.67
N PRO A 83 -15.56 -2.84 -14.65
CA PRO A 83 -16.40 -2.32 -15.73
C PRO A 83 -17.11 -3.47 -16.47
N PRO A 84 -18.31 -3.20 -17.02
CA PRO A 84 -19.11 -4.29 -17.59
C PRO A 84 -18.62 -4.82 -18.95
N GLU A 85 -17.93 -3.97 -19.72
CA GLU A 85 -17.56 -4.26 -21.12
C GLU A 85 -16.62 -5.48 -21.27
N ILE A 86 -16.94 -6.37 -22.22
CA ILE A 86 -16.16 -7.59 -22.42
C ILE A 86 -14.70 -7.26 -22.71
N GLU A 87 -14.49 -6.28 -23.60
CA GLU A 87 -13.17 -5.93 -24.13
C GLU A 87 -12.23 -5.34 -23.07
N GLU A 88 -12.75 -5.02 -21.89
CA GLU A 88 -11.91 -4.52 -20.79
C GLU A 88 -11.11 -5.65 -20.11
N TYR A 89 -11.40 -6.90 -20.50
CA TYR A 89 -10.81 -8.09 -19.89
C TYR A 89 -10.08 -8.99 -20.88
N CYS A 90 -9.68 -8.43 -22.02
CA CYS A 90 -8.79 -9.14 -22.92
C CYS A 90 -7.39 -9.04 -22.32
N MET A 91 -6.57 -10.06 -22.58
CA MET A 91 -5.25 -10.17 -21.95
C MET A 91 -4.34 -8.99 -22.21
N GLU A 92 -4.41 -8.44 -23.43
CA GLU A 92 -3.58 -7.30 -23.77
C GLU A 92 -3.87 -6.10 -22.85
N VAL A 93 -5.15 -5.79 -22.65
CA VAL A 93 -5.55 -4.68 -21.77
C VAL A 93 -5.22 -5.00 -20.29
N LEU A 94 -5.45 -6.23 -19.88
CA LEU A 94 -5.20 -6.64 -18.51
C LEU A 94 -3.71 -6.51 -18.18
N CYS A 95 -2.86 -6.95 -19.12
CA CYS A 95 -1.40 -6.85 -18.95
C CYS A 95 -0.87 -5.41 -18.93
N LYS A 96 -1.37 -4.56 -19.82
CA LYS A 96 -0.96 -3.15 -19.83
C LYS A 96 -1.31 -2.47 -18.50
N GLU A 97 -2.47 -2.82 -17.95
CA GLU A 97 -2.86 -2.32 -16.62
C GLU A 97 -1.93 -2.76 -15.50
N MET A 98 -1.46 -4.01 -15.56
CA MET A 98 -0.53 -4.52 -14.54
C MET A 98 0.84 -3.81 -14.64
N VAL A 99 1.25 -3.47 -15.85
CA VAL A 99 2.44 -2.64 -16.06
C VAL A 99 2.23 -1.21 -15.50
N THR A 100 1.07 -0.61 -15.73
CA THR A 100 0.77 0.71 -15.13
C THR A 100 0.76 0.63 -13.58
N PHE A 101 0.25 -0.48 -13.04
CA PHE A 101 0.30 -0.78 -11.60
C PHE A 101 1.72 -0.66 -11.02
N LEU A 102 2.65 -1.39 -11.62
CA LEU A 102 4.06 -1.35 -11.27
C LEU A 102 4.67 0.05 -11.37
N ASP A 103 4.37 0.73 -12.48
CA ASP A 103 4.82 2.13 -12.71
C ASP A 103 4.39 3.04 -11.56
N LYS A 104 3.10 2.99 -11.21
CA LYS A 104 2.56 3.91 -10.21
C LYS A 104 3.11 3.62 -8.82
N LEU A 105 3.38 2.35 -8.57
CA LEU A 105 4.04 1.93 -7.32
C LEU A 105 5.56 2.15 -7.32
N GLY A 106 6.12 2.49 -8.48
CA GLY A 106 7.57 2.73 -8.59
C GLY A 106 8.41 1.48 -8.50
N LEU A 107 7.85 0.38 -9.01
CA LEU A 107 8.54 -0.90 -9.08
C LEU A 107 9.06 -1.12 -10.51
N SER A 108 10.37 -1.29 -10.66
CA SER A 108 10.95 -1.55 -11.98
C SER A 108 10.59 -2.96 -12.44
N GLN A 109 10.53 -3.88 -11.48
CA GLN A 109 10.17 -5.27 -11.75
C GLN A 109 9.47 -5.85 -10.54
N ALA A 110 8.85 -7.01 -10.73
CA ALA A 110 8.38 -7.84 -9.63
C ALA A 110 8.39 -9.29 -10.08
N VAL A 111 8.48 -10.21 -9.13
CA VAL A 111 8.22 -11.63 -9.40
C VAL A 111 6.71 -11.75 -9.56
N PHE A 112 6.25 -12.45 -10.59
CA PHE A 112 4.81 -12.65 -10.77
C PHE A 112 4.47 -14.11 -10.54
N ILE A 113 3.47 -14.37 -9.70
CA ILE A 113 3.00 -15.72 -9.39
C ILE A 113 1.48 -15.74 -9.60
N GLY A 114 1.02 -16.58 -10.51
CA GLY A 114 -0.39 -16.61 -10.86
C GLY A 114 -0.97 -18.00 -10.74
N HIS A 115 -2.28 -18.07 -10.58
CA HIS A 115 -2.98 -19.36 -10.54
C HIS A 115 -4.20 -19.24 -11.46
N ASP A 116 -4.50 -20.31 -12.20
CA ASP A 116 -5.66 -20.36 -13.07
C ASP A 116 -5.58 -19.20 -14.09
N TRP A 117 -6.64 -18.39 -14.25
CA TRP A 117 -6.58 -17.20 -15.15
C TRP A 117 -5.46 -16.24 -14.82
N GLY A 118 -5.08 -16.16 -13.55
CA GLY A 118 -3.96 -15.31 -13.12
C GLY A 118 -2.63 -15.89 -13.60
N GLY A 119 -2.59 -17.21 -13.73
CA GLY A 119 -1.40 -17.89 -14.26
C GLY A 119 -1.23 -17.60 -15.75
N MET A 120 -2.33 -17.61 -16.50
CA MET A 120 -2.30 -17.22 -17.91
C MET A 120 -1.79 -15.78 -18.04
N LEU A 121 -2.30 -14.90 -17.19
CA LEU A 121 -1.84 -13.51 -17.16
C LEU A 121 -0.32 -13.42 -16.92
N VAL A 122 0.21 -14.12 -15.93
CA VAL A 122 1.62 -13.97 -15.61
C VAL A 122 2.54 -14.47 -16.74
N TRP A 123 2.09 -15.49 -17.49
CA TRP A 123 2.83 -15.97 -18.67
C TRP A 123 2.85 -14.91 -19.76
N TYR A 124 1.71 -14.25 -19.99
CA TYR A 124 1.66 -13.17 -20.96
C TYR A 124 2.52 -11.97 -20.53
N MET A 125 2.52 -11.68 -19.23
CA MET A 125 3.41 -10.63 -18.68
C MET A 125 4.88 -10.94 -18.98
N ALA A 126 5.29 -12.17 -18.72
CA ALA A 126 6.68 -12.59 -18.90
C ALA A 126 7.05 -12.51 -20.37
N LEU A 127 6.08 -12.79 -21.23
CA LEU A 127 6.25 -12.84 -22.68
C LEU A 127 6.39 -11.45 -23.32
N PHE A 128 5.43 -10.57 -23.01
CA PHE A 128 5.35 -9.26 -23.64
C PHE A 128 6.00 -8.16 -22.81
N TYR A 129 6.18 -8.40 -21.51
CA TYR A 129 6.84 -7.41 -20.65
C TYR A 129 7.97 -8.00 -19.82
N PRO A 130 8.92 -8.69 -20.48
CA PRO A 130 9.98 -9.35 -19.73
C PRO A 130 10.83 -8.37 -18.92
N GLU A 131 10.94 -7.13 -19.38
CA GLU A 131 11.69 -6.11 -18.64
C GLU A 131 11.08 -5.79 -17.26
N ARG A 132 9.80 -6.12 -17.04
CA ARG A 132 9.10 -5.82 -15.78
C ARG A 132 8.88 -7.04 -14.87
N VAL A 133 9.22 -8.21 -15.39
CA VAL A 133 8.99 -9.47 -14.69
C VAL A 133 10.35 -10.06 -14.34
N ARG A 134 10.69 -10.04 -13.05
CA ARG A 134 11.95 -10.61 -12.54
C ARG A 134 12.01 -12.12 -12.77
N ALA A 135 10.88 -12.79 -12.51
CA ALA A 135 10.76 -14.24 -12.56
C ALA A 135 9.27 -14.54 -12.63
N VAL A 136 8.90 -15.71 -13.14
CA VAL A 136 7.48 -16.05 -13.31
C VAL A 136 7.14 -17.45 -12.80
N ALA A 137 6.06 -17.56 -12.03
CA ALA A 137 5.59 -18.85 -11.55
C ALA A 137 4.11 -18.99 -11.84
N SER A 138 3.69 -20.16 -12.31
CA SER A 138 2.28 -20.43 -12.49
C SER A 138 1.84 -21.70 -11.76
N LEU A 139 0.70 -21.62 -11.09
CA LEU A 139 0.06 -22.79 -10.50
C LEU A 139 -1.03 -23.27 -11.45
N ASN A 140 -0.88 -24.51 -11.89
CA ASN A 140 -1.91 -25.22 -12.67
C ASN A 140 -1.94 -24.85 -14.16
N THR A 141 -1.75 -23.57 -14.46
CA THR A 141 -1.85 -23.06 -15.82
C THR A 141 -0.56 -23.17 -16.64
N PRO A 142 -0.60 -23.98 -17.72
CA PRO A 142 0.57 -24.13 -18.57
C PRO A 142 0.75 -22.96 -19.53
N PHE A 143 1.94 -22.85 -20.13
CA PHE A 143 2.17 -21.88 -21.19
C PHE A 143 2.38 -22.65 -22.47
N ILE A 144 1.42 -22.50 -23.40
CA ILE A 144 1.51 -23.10 -24.73
C ILE A 144 1.56 -21.97 -25.76
N PRO A 145 2.63 -21.91 -26.59
CA PRO A 145 2.64 -20.92 -27.68
C PRO A 145 1.38 -21.01 -28.54
N ALA A 146 0.91 -19.86 -29.03
CA ALA A 146 -0.27 -19.83 -29.88
C ALA A 146 -0.11 -20.75 -31.08
N ASN A 147 -1.17 -21.49 -31.40
CA ASN A 147 -1.21 -22.35 -32.57
C ASN A 147 -1.83 -21.57 -33.74
N PRO A 148 -1.00 -21.27 -34.77
CA PRO A 148 -1.43 -20.42 -35.89
C PRO A 148 -2.59 -20.98 -36.71
N ASN A 149 -2.86 -22.29 -36.57
CA ASN A 149 -3.88 -22.98 -37.37
C ASN A 149 -5.26 -23.02 -36.73
N MET A 150 -5.31 -23.41 -35.45
CA MET A 150 -6.58 -23.56 -34.73
C MET A 150 -6.96 -22.32 -33.93
N SER A 151 -8.25 -21.98 -33.97
CA SER A 151 -8.83 -20.96 -33.11
C SER A 151 -9.06 -21.57 -31.72
N PRO A 152 -9.33 -20.72 -30.70
CA PRO A 152 -9.61 -21.27 -29.36
C PRO A 152 -10.94 -22.02 -29.29
N LEU A 153 -11.90 -21.62 -30.13
CA LEU A 153 -13.20 -22.28 -30.23
C LEU A 153 -13.06 -23.68 -30.85
N GLU A 154 -12.08 -23.82 -31.74
CA GLU A 154 -11.77 -25.11 -32.38
C GLU A 154 -11.16 -26.10 -31.37
N SER A 155 -10.42 -25.56 -30.40
CA SER A 155 -9.79 -26.35 -29.34
C SER A 155 -10.77 -26.95 -28.32
N ILE A 156 -12.00 -26.44 -28.30
CA ILE A 156 -13.06 -26.98 -27.44
C ILE A 156 -13.70 -28.21 -28.09
N LYS A 157 -13.75 -28.23 -29.41
CA LYS A 157 -14.21 -29.39 -30.17
C LYS A 157 -13.20 -30.54 -30.09
N ALA A 158 -11.91 -30.19 -30.09
CA ALA A 158 -10.83 -31.17 -29.95
C ALA A 158 -10.72 -31.66 -28.50
N ASN A 159 -10.81 -30.73 -27.55
CA ASN A 159 -10.74 -31.03 -26.12
C ASN A 159 -12.06 -30.65 -25.43
N PRO A 160 -12.93 -31.64 -25.16
CA PRO A 160 -14.30 -31.40 -24.67
C PRO A 160 -14.43 -31.11 -23.16
N VAL A 161 -13.32 -31.18 -22.43
CA VAL A 161 -13.31 -30.85 -21.00
C VAL A 161 -13.55 -29.34 -20.74
N PHE A 162 -13.39 -28.53 -21.78
CA PHE A 162 -13.64 -27.08 -21.73
C PHE A 162 -15.00 -26.68 -22.31
N ASP A 163 -16.03 -27.50 -22.04
CA ASP A 163 -17.37 -27.24 -22.58
C ASP A 163 -18.17 -26.22 -21.76
N TYR A 164 -17.88 -26.15 -20.46
CA TYR A 164 -18.41 -25.12 -19.57
C TYR A 164 -18.01 -23.71 -20.06
N GLN A 165 -16.87 -23.63 -20.74
CA GLN A 165 -16.38 -22.37 -21.31
C GLN A 165 -17.33 -21.80 -22.36
N LEU A 166 -17.97 -22.68 -23.13
CA LEU A 166 -19.00 -22.26 -24.07
C LEU A 166 -20.23 -21.72 -23.35
N TYR A 167 -20.60 -22.37 -22.24
CA TYR A 167 -21.68 -21.89 -21.39
C TYR A 167 -21.38 -20.49 -20.85
N PHE A 168 -20.10 -20.21 -20.61
CA PHE A 168 -19.67 -18.92 -20.07
C PHE A 168 -19.70 -17.77 -21.09
N GLN A 169 -19.88 -18.08 -22.37
CA GLN A 169 -19.77 -17.06 -23.43
C GLN A 169 -20.88 -16.03 -23.43
N GLU A 170 -22.12 -16.50 -23.29
CA GLU A 170 -23.31 -15.66 -23.40
C GLU A 170 -23.49 -14.76 -22.17
N PRO A 171 -23.40 -13.42 -22.36
CA PRO A 171 -23.48 -12.46 -21.26
C PRO A 171 -24.86 -12.50 -20.59
N GLY A 172 -24.85 -12.64 -19.27
CA GLY A 172 -26.09 -12.71 -18.51
C GLY A 172 -26.45 -14.10 -18.02
N VAL A 173 -26.07 -15.14 -18.78
CA VAL A 173 -26.49 -16.52 -18.45
C VAL A 173 -25.78 -17.11 -17.21
N ALA A 174 -24.47 -17.33 -17.31
CA ALA A 174 -23.71 -17.84 -16.18
C ALA A 174 -23.78 -16.90 -14.98
N GLU A 175 -23.76 -15.59 -15.24
CA GLU A 175 -23.95 -14.58 -14.19
C GLU A 175 -25.18 -14.86 -13.35
N ALA A 176 -26.34 -14.99 -14.00
CA ALA A 176 -27.62 -15.24 -13.32
C ALA A 176 -27.58 -16.50 -12.43
N GLU A 177 -26.95 -17.56 -12.93
CA GLU A 177 -26.86 -18.81 -12.17
C GLU A 177 -25.90 -18.71 -10.99
N LEU A 178 -24.74 -18.11 -11.21
CA LEU A 178 -23.71 -18.02 -10.18
C LEU A 178 -24.06 -17.00 -9.08
N GLU A 179 -24.83 -15.99 -9.44
CA GLU A 179 -25.28 -14.96 -8.49
C GLU A 179 -26.56 -15.30 -7.73
N GLN A 180 -27.27 -16.33 -8.17
CA GLN A 180 -28.56 -16.70 -7.57
C GLN A 180 -28.40 -16.96 -6.07
N ASN A 181 -27.40 -17.78 -5.72
CA ASN A 181 -27.11 -18.13 -4.32
C ASN A 181 -25.59 -18.23 -4.16
N LEU A 182 -24.99 -17.13 -3.69
CA LEU A 182 -23.54 -17.00 -3.61
C LEU A 182 -22.94 -18.05 -2.68
N SER A 183 -23.58 -18.27 -1.54
CA SER A 183 -23.09 -19.26 -0.58
C SER A 183 -23.03 -20.65 -1.21
N ARG A 184 -24.09 -21.05 -1.91
CA ARG A 184 -24.12 -22.33 -2.61
C ARG A 184 -23.08 -22.37 -3.75
N THR A 185 -22.91 -21.26 -4.45
CA THR A 185 -21.90 -21.18 -5.51
C THR A 185 -20.53 -21.57 -4.98
N PHE A 186 -20.07 -20.86 -3.95
CA PHE A 186 -18.73 -21.05 -3.42
C PHE A 186 -18.53 -22.40 -2.73
N LYS A 187 -19.57 -22.87 -2.06
CA LYS A 187 -19.54 -24.19 -1.46
C LYS A 187 -19.47 -25.30 -2.52
N SER A 188 -20.09 -25.06 -3.68
CA SER A 188 -20.10 -26.07 -4.75
C SER A 188 -18.75 -26.12 -5.46
N LEU A 189 -18.15 -24.95 -5.66
CA LEU A 189 -16.89 -24.82 -6.37
C LEU A 189 -15.68 -25.22 -5.54
N PHE A 190 -15.53 -24.60 -4.37
CA PHE A 190 -14.32 -24.77 -3.57
C PHE A 190 -14.35 -26.09 -2.80
N ARG A 191 -13.94 -27.18 -3.47
CA ARG A 191 -13.93 -28.51 -2.87
C ARG A 191 -12.70 -29.29 -3.33
N ALA A 192 -12.24 -30.23 -2.51
CA ALA A 192 -11.20 -31.17 -2.92
C ALA A 192 -11.74 -32.04 -4.06
N SER A 193 -10.85 -32.53 -4.93
CA SER A 193 -11.29 -33.25 -6.12
C SER A 193 -12.18 -34.45 -5.77
N ASP A 194 -11.90 -35.10 -4.65
CA ASP A 194 -12.70 -36.24 -4.19
C ASP A 194 -14.06 -35.84 -3.61
N GLU A 195 -14.26 -34.55 -3.33
CA GLU A 195 -15.53 -34.05 -2.78
C GLU A 195 -16.39 -33.41 -3.87
N SER A 196 -15.92 -33.47 -5.11
CA SER A 196 -16.52 -32.68 -6.18
C SER A 196 -17.91 -33.14 -6.60
N VAL A 197 -18.83 -32.18 -6.67
CA VAL A 197 -20.22 -32.42 -7.06
C VAL A 197 -20.53 -31.87 -8.47
N LEU A 198 -19.49 -31.63 -9.27
CA LEU A 198 -19.65 -31.04 -10.61
C LEU A 198 -18.90 -31.80 -11.70
N SER A 199 -19.53 -31.93 -12.87
CA SER A 199 -18.93 -32.63 -14.01
C SER A 199 -18.74 -31.71 -15.21
N MET A 200 -17.58 -31.81 -15.85
CA MET A 200 -17.25 -31.01 -17.03
C MET A 200 -17.21 -31.85 -18.31
N HIS A 201 -18.39 -32.33 -18.73
CA HIS A 201 -18.56 -33.06 -19.99
C HIS A 201 -19.51 -32.31 -20.92
N LYS A 202 -20.67 -31.92 -20.39
CA LYS A 202 -21.65 -31.10 -21.10
C LYS A 202 -22.50 -30.31 -20.10
N VAL A 203 -22.41 -28.99 -20.19
CA VAL A 203 -22.97 -28.10 -19.17
C VAL A 203 -24.20 -27.31 -19.66
N CYS A 204 -24.11 -26.73 -20.85
CA CYS A 204 -25.16 -25.86 -21.38
C CYS A 204 -26.38 -26.60 -21.93
N GLU A 205 -26.18 -27.82 -22.44
CA GLU A 205 -27.28 -28.71 -22.82
C GLU A 205 -27.94 -29.30 -21.57
N ALA A 206 -27.15 -29.44 -20.51
CA ALA A 206 -27.63 -29.91 -19.20
C ALA A 206 -28.47 -28.84 -18.50
N GLY A 207 -28.42 -27.61 -19.01
CA GLY A 207 -29.23 -26.50 -18.48
C GLY A 207 -28.44 -25.48 -17.66
N GLY A 208 -27.34 -25.94 -17.07
CA GLY A 208 -26.50 -25.08 -16.23
C GLY A 208 -25.43 -25.84 -15.48
N LEU A 209 -24.63 -25.10 -14.72
CA LEU A 209 -23.49 -25.65 -14.00
C LEU A 209 -23.88 -26.39 -12.72
N PHE A 210 -24.96 -25.95 -12.06
CA PHE A 210 -25.39 -26.53 -10.78
C PHE A 210 -26.68 -27.35 -10.85
N VAL A 211 -27.27 -27.47 -12.04
CA VAL A 211 -28.59 -28.11 -12.25
C VAL A 211 -28.79 -29.41 -11.45
N ASN A 212 -27.78 -30.28 -11.44
CA ASN A 212 -27.83 -31.54 -10.70
C ASN A 212 -26.75 -31.69 -9.62
N SER A 213 -26.73 -30.70 -8.72
CA SER A 213 -25.84 -30.69 -7.55
C SER A 213 -26.64 -30.18 -6.34
N PRO A 214 -26.25 -30.58 -5.11
CA PRO A 214 -27.11 -30.32 -3.95
C PRO A 214 -27.48 -28.85 -3.74
N GLU A 215 -28.71 -28.62 -3.29
CA GLU A 215 -29.23 -27.29 -2.99
C GLU A 215 -28.54 -26.70 -1.76
N GLU A 216 -28.19 -27.57 -0.83
CA GLU A 216 -27.41 -27.18 0.36
C GLU A 216 -26.17 -28.05 0.49
N PRO A 217 -25.14 -27.79 -0.34
CA PRO A 217 -23.93 -28.61 -0.31
C PRO A 217 -23.24 -28.49 1.04
N SER A 218 -22.62 -29.59 1.47
CA SER A 218 -21.86 -29.56 2.70
C SER A 218 -20.61 -28.71 2.51
N LEU A 219 -20.02 -28.31 3.62
CA LEU A 219 -18.79 -27.53 3.62
C LEU A 219 -17.60 -28.47 3.39
N SER A 220 -16.81 -28.20 2.35
CA SER A 220 -15.60 -28.97 2.04
C SER A 220 -14.59 -28.96 3.19
N ARG A 221 -13.76 -30.01 3.26
CA ARG A 221 -12.69 -30.08 4.25
C ARG A 221 -11.75 -28.88 4.14
N MET A 222 -11.68 -28.29 2.95
CA MET A 222 -10.69 -27.24 2.66
C MET A 222 -11.02 -25.92 3.31
N VAL A 223 -12.31 -25.67 3.50
CA VAL A 223 -12.81 -24.34 3.84
C VAL A 223 -13.71 -24.33 5.07
N THR A 224 -13.63 -23.24 5.84
CA THR A 224 -14.55 -23.00 6.94
C THR A 224 -15.72 -22.19 6.42
N GLU A 225 -16.79 -22.10 7.22
CA GLU A 225 -17.96 -21.29 6.89
C GLU A 225 -17.56 -19.82 6.77
N GLU A 226 -16.64 -19.40 7.63
CA GLU A 226 -16.20 -18.01 7.70
C GLU A 226 -15.45 -17.62 6.42
N GLU A 227 -14.62 -18.52 5.91
CA GLU A 227 -13.90 -18.28 4.66
C GLU A 227 -14.88 -18.21 3.48
N ILE A 228 -15.84 -19.13 3.44
CA ILE A 228 -16.88 -19.09 2.41
C ILE A 228 -17.62 -17.77 2.44
N GLN A 229 -17.97 -17.31 3.63
CA GLN A 229 -18.73 -16.06 3.74
C GLN A 229 -17.92 -14.82 3.30
N PHE A 230 -16.60 -14.89 3.45
CA PHE A 230 -15.76 -13.79 2.95
C PHE A 230 -15.89 -13.64 1.43
N TYR A 231 -15.82 -14.76 0.70
CA TYR A 231 -16.01 -14.73 -0.75
C TYR A 231 -17.39 -14.20 -1.11
N VAL A 232 -18.42 -14.64 -0.36
CA VAL A 232 -19.80 -14.19 -0.56
C VAL A 232 -19.87 -12.65 -0.54
N GLN A 233 -19.36 -12.07 0.55
CA GLN A 233 -19.34 -10.61 0.73
C GLN A 233 -18.62 -9.92 -0.43
N GLN A 234 -17.48 -10.48 -0.83
CA GLN A 234 -16.69 -9.89 -1.92
C GLN A 234 -17.45 -9.82 -3.23
N PHE A 235 -18.16 -10.90 -3.56
CA PHE A 235 -18.87 -10.97 -4.84
C PHE A 235 -20.23 -10.26 -4.85
N LYS A 236 -20.66 -9.77 -3.69
CA LYS A 236 -21.87 -8.95 -3.61
C LYS A 236 -21.75 -7.61 -4.35
N LYS A 237 -20.56 -7.04 -4.39
CA LYS A 237 -20.36 -5.71 -4.96
C LYS A 237 -20.53 -5.67 -6.49
N SER A 238 -19.83 -6.57 -7.19
CA SER A 238 -19.81 -6.55 -8.66
C SER A 238 -20.37 -7.83 -9.29
N GLY A 239 -20.46 -8.89 -8.52
CA GLY A 239 -20.99 -10.16 -9.03
C GLY A 239 -20.03 -10.82 -10.02
N PHE A 240 -20.59 -11.57 -10.97
CA PHE A 240 -19.79 -12.43 -11.84
C PHE A 240 -19.52 -11.93 -13.26
N ARG A 241 -20.07 -10.78 -13.63
CA ARG A 241 -19.91 -10.26 -15.00
C ARG A 241 -18.46 -10.02 -15.39
N GLY A 242 -17.76 -9.17 -14.63
CA GLY A 242 -16.33 -8.94 -14.80
C GLY A 242 -15.51 -10.23 -14.80
N PRO A 243 -15.66 -11.06 -13.75
CA PRO A 243 -14.94 -12.34 -13.70
C PRO A 243 -15.18 -13.22 -14.93
N LEU A 244 -16.44 -13.35 -15.35
CA LEU A 244 -16.78 -14.17 -16.50
C LEU A 244 -16.20 -13.60 -17.79
N ASN A 245 -16.09 -12.27 -17.87
CA ASN A 245 -15.54 -11.59 -19.05
C ASN A 245 -14.10 -12.04 -19.38
N TRP A 246 -13.40 -12.60 -18.39
CA TRP A 246 -12.04 -13.10 -18.63
C TRP A 246 -12.07 -14.24 -19.67
N TYR A 247 -13.17 -14.99 -19.68
CA TYR A 247 -13.37 -16.09 -20.64
C TYR A 247 -13.88 -15.65 -22.02
N ARG A 248 -14.22 -14.38 -22.18
CA ARG A 248 -15.01 -13.94 -23.34
C ARG A 248 -14.19 -13.16 -24.38
N ASN A 249 -12.88 -13.37 -24.34
CA ASN A 249 -11.94 -12.72 -25.26
C ASN A 249 -11.02 -13.71 -25.96
N MET A 250 -11.49 -14.93 -26.18
CA MET A 250 -10.61 -15.99 -26.73
C MET A 250 -9.95 -15.58 -28.05
N GLU A 251 -10.71 -15.02 -28.98
CA GLU A 251 -10.15 -14.70 -30.30
C GLU A 251 -9.14 -13.55 -30.21
N ARG A 252 -9.50 -12.48 -29.48
CA ARG A 252 -8.56 -11.38 -29.25
C ARG A 252 -7.28 -11.85 -28.55
N ASN A 253 -7.41 -12.70 -27.52
CA ASN A 253 -6.25 -13.24 -26.80
C ASN A 253 -5.34 -14.07 -27.71
N TRP A 254 -5.97 -14.91 -28.53
CA TRP A 254 -5.28 -15.74 -29.51
C TRP A 254 -4.49 -14.90 -30.53
N LYS A 255 -5.12 -13.86 -31.05
CA LYS A 255 -4.48 -12.94 -31.99
C LYS A 255 -3.31 -12.18 -31.38
N TRP A 256 -3.45 -11.77 -30.11
CA TRP A 256 -2.34 -11.13 -29.40
C TRP A 256 -1.18 -12.09 -29.14
N ALA A 257 -1.49 -13.31 -28.69
CA ALA A 257 -0.45 -14.31 -28.45
C ALA A 257 0.34 -14.63 -29.73
N CYS A 258 -0.36 -14.60 -30.86
CA CYS A 258 0.27 -14.78 -32.18
C CYS A 258 1.32 -13.70 -32.50
N LYS A 259 1.09 -12.49 -32.02
CA LYS A 259 2.04 -11.38 -32.22
C LYS A 259 3.36 -11.60 -31.48
N SER A 260 3.43 -12.64 -30.66
CA SER A 260 4.64 -12.94 -29.92
C SER A 260 5.36 -14.17 -30.43
N LEU A 261 4.58 -15.19 -30.79
CA LEU A 261 5.00 -16.62 -30.85
C LEU A 261 6.43 -16.99 -31.29
N GLY A 262 7.14 -16.06 -31.91
CA GLY A 262 8.57 -16.22 -32.19
C GLY A 262 9.45 -16.13 -30.94
N ARG A 263 9.20 -15.13 -30.09
CA ARG A 263 10.06 -14.85 -28.94
C ARG A 263 9.89 -15.85 -27.79
N LYS A 264 10.89 -15.91 -26.91
CA LYS A 264 10.93 -16.91 -25.83
C LYS A 264 10.98 -16.29 -24.43
N ILE A 265 10.48 -17.03 -23.45
CA ILE A 265 10.62 -16.66 -22.04
C ILE A 265 12.04 -17.01 -21.60
N LEU A 266 12.80 -16.00 -21.20
CA LEU A 266 14.21 -16.19 -20.86
C LEU A 266 14.48 -16.01 -19.37
N ILE A 267 13.50 -15.44 -18.66
CA ILE A 267 13.59 -15.21 -17.22
C ILE A 267 13.38 -16.54 -16.46
N PRO A 268 13.80 -16.60 -15.19
CA PRO A 268 13.50 -17.83 -14.43
C PRO A 268 12.00 -18.12 -14.40
N ALA A 269 11.65 -19.40 -14.47
CA ALA A 269 10.25 -19.79 -14.59
C ALA A 269 9.95 -21.06 -13.80
N LEU A 270 8.76 -21.10 -13.22
CA LEU A 270 8.31 -22.23 -12.42
C LEU A 270 6.92 -22.67 -12.86
N MET A 271 6.78 -23.97 -13.12
CA MET A 271 5.47 -24.52 -13.46
C MET A 271 5.08 -25.54 -12.39
N VAL A 272 4.01 -25.24 -11.66
CA VAL A 272 3.56 -26.12 -10.57
C VAL A 272 2.28 -26.82 -11.01
N THR A 273 2.33 -28.15 -11.03
CA THR A 273 1.20 -28.96 -11.45
C THR A 273 0.47 -29.57 -10.26
N ALA A 274 -0.85 -29.77 -10.41
CA ALA A 274 -1.67 -30.37 -9.37
C ALA A 274 -2.26 -31.68 -9.88
N GLU A 275 -1.89 -32.79 -9.23
CA GLU A 275 -2.28 -34.14 -9.65
C GLU A 275 -3.76 -34.23 -10.02
N LYS A 276 -4.61 -33.71 -9.15
CA LYS A 276 -6.05 -33.89 -9.29
C LYS A 276 -6.82 -32.68 -9.82
N ASP A 277 -6.14 -31.74 -10.47
CA ASP A 277 -6.83 -30.72 -11.23
C ASP A 277 -7.32 -31.38 -12.52
N PHE A 278 -8.63 -31.53 -12.65
CA PHE A 278 -9.24 -32.22 -13.81
C PHE A 278 -9.62 -31.27 -14.94
N VAL A 279 -9.41 -29.96 -14.73
CA VAL A 279 -9.60 -28.99 -15.82
C VAL A 279 -8.26 -28.52 -16.39
N LEU A 280 -7.33 -28.11 -15.52
CA LEU A 280 -5.98 -27.77 -15.93
C LEU A 280 -5.10 -28.95 -15.53
N VAL A 281 -5.08 -29.96 -16.38
CA VAL A 281 -4.47 -31.25 -16.10
C VAL A 281 -2.94 -31.15 -16.20
N PRO A 282 -2.20 -31.82 -15.29
CA PRO A 282 -0.73 -31.78 -15.28
C PRO A 282 -0.11 -32.01 -16.66
N GLN A 283 -0.64 -32.99 -17.40
CA GLN A 283 -0.12 -33.35 -18.73
C GLN A 283 -0.25 -32.22 -19.76
N MET A 284 -1.16 -31.28 -19.53
CA MET A 284 -1.29 -30.11 -20.40
C MET A 284 0.01 -29.30 -20.45
N SER A 285 0.92 -29.57 -19.52
CA SER A 285 2.19 -28.85 -19.40
C SER A 285 3.41 -29.65 -19.86
N GLN A 286 3.20 -30.91 -20.24
CA GLN A 286 4.28 -31.87 -20.52
C GLN A 286 5.47 -31.38 -21.38
N HIS A 287 5.19 -30.65 -22.45
CA HIS A 287 6.27 -30.22 -23.36
C HIS A 287 6.68 -28.75 -23.24
N MET A 288 6.43 -28.16 -22.08
CA MET A 288 6.83 -26.78 -21.81
C MET A 288 8.34 -26.53 -21.88
N GLU A 289 9.17 -27.51 -21.50
CA GLU A 289 10.62 -27.33 -21.61
C GLU A 289 11.15 -27.21 -23.05
N ASP A 290 10.33 -27.57 -24.03
CA ASP A 290 10.68 -27.37 -25.43
C ASP A 290 10.77 -25.89 -25.81
N TRP A 291 10.01 -25.04 -25.11
CA TRP A 291 10.08 -23.60 -25.36
C TRP A 291 10.63 -22.81 -24.15
N ILE A 292 10.83 -23.49 -23.02
CA ILE A 292 11.45 -22.93 -21.82
C ILE A 292 12.37 -24.01 -21.22
N PRO A 293 13.61 -24.16 -21.75
CA PRO A 293 14.54 -25.22 -21.35
C PRO A 293 15.01 -25.16 -19.89
N HIS A 294 15.03 -23.95 -19.34
CA HIS A 294 15.44 -23.72 -17.95
C HIS A 294 14.27 -23.79 -16.95
N LEU A 295 13.10 -24.22 -17.43
CA LEU A 295 11.88 -24.28 -16.60
C LEU A 295 12.06 -25.21 -15.39
N LYS A 296 11.75 -24.70 -14.20
CA LYS A 296 11.69 -25.53 -13.00
C LYS A 296 10.26 -25.98 -12.77
N ARG A 297 10.12 -27.06 -11.99
CA ARG A 297 8.82 -27.67 -11.79
C ARG A 297 8.58 -28.01 -10.34
N GLY A 298 7.30 -28.00 -9.99
CA GLY A 298 6.79 -28.57 -8.76
C GLY A 298 5.58 -29.41 -9.13
N HIS A 299 5.32 -30.46 -8.36
CA HIS A 299 4.13 -31.27 -8.56
C HIS A 299 3.53 -31.57 -7.21
N ILE A 300 2.21 -31.38 -7.07
CA ILE A 300 1.55 -31.63 -5.80
C ILE A 300 0.53 -32.77 -5.90
N GLU A 301 0.80 -33.83 -5.12
CA GLU A 301 -0.07 -35.01 -5.04
C GLU A 301 -1.39 -34.69 -4.40
N ASP A 302 -2.43 -35.42 -4.80
CA ASP A 302 -3.73 -35.38 -4.10
C ASP A 302 -4.26 -33.94 -4.04
N CYS A 303 -3.96 -33.16 -5.08
CA CYS A 303 -4.28 -31.72 -5.10
C CYS A 303 -5.23 -31.38 -6.23
N GLY A 304 -6.36 -30.80 -5.89
CA GLY A 304 -7.35 -30.41 -6.89
C GLY A 304 -7.00 -29.09 -7.56
N HIS A 305 -8.01 -28.48 -8.16
CA HIS A 305 -7.86 -27.19 -8.84
C HIS A 305 -7.46 -26.03 -7.92
N TRP A 306 -8.01 -26.01 -6.70
CA TRP A 306 -7.90 -24.89 -5.76
C TRP A 306 -6.62 -25.04 -4.93
N THR A 307 -5.50 -25.01 -5.66
CA THR A 307 -4.19 -25.40 -5.17
C THR A 307 -3.78 -24.80 -3.81
N GLN A 308 -3.88 -23.47 -3.70
CA GLN A 308 -3.37 -22.75 -2.54
C GLN A 308 -4.12 -23.11 -1.28
N MET A 309 -5.40 -23.42 -1.45
CA MET A 309 -6.34 -23.81 -0.41
C MET A 309 -6.27 -25.29 -0.08
N ASP A 310 -6.03 -26.10 -1.11
CA ASP A 310 -6.02 -27.55 -1.02
C ASP A 310 -4.75 -28.00 -0.33
N LYS A 311 -3.61 -27.51 -0.81
CA LYS A 311 -2.32 -27.92 -0.25
C LYS A 311 -1.40 -26.74 0.08
N PRO A 312 -1.80 -25.88 1.04
CA PRO A 312 -1.03 -24.65 1.34
C PRO A 312 0.42 -24.88 1.76
N THR A 313 0.65 -25.90 2.60
CA THR A 313 1.99 -26.23 3.07
C THR A 313 2.89 -26.54 1.88
N GLU A 314 2.38 -27.38 0.99
CA GLU A 314 3.13 -27.82 -0.17
C GLU A 314 3.37 -26.64 -1.12
N VAL A 315 2.36 -25.81 -1.33
CA VAL A 315 2.52 -24.60 -2.16
C VAL A 315 3.59 -23.69 -1.56
N ASN A 316 3.48 -23.43 -0.26
CA ASN A 316 4.45 -22.56 0.43
C ASN A 316 5.89 -23.04 0.25
N GLN A 317 6.10 -24.34 0.43
CA GLN A 317 7.43 -24.93 0.34
C GLN A 317 8.01 -24.80 -1.06
N ILE A 318 7.19 -25.13 -2.07
CA ILE A 318 7.60 -25.08 -3.47
C ILE A 318 7.96 -23.65 -3.90
N LEU A 319 7.08 -22.69 -3.56
CA LEU A 319 7.32 -21.29 -3.91
C LEU A 319 8.55 -20.69 -3.22
N ILE A 320 8.69 -20.91 -1.91
CA ILE A 320 9.81 -20.37 -1.15
C ILE A 320 11.15 -20.92 -1.66
N LYS A 321 11.22 -22.23 -1.88
CA LYS A 321 12.43 -22.86 -2.42
C LYS A 321 12.84 -22.18 -3.73
N TRP A 322 11.91 -22.09 -4.67
CA TRP A 322 12.16 -21.48 -5.97
C TRP A 322 12.54 -20.01 -5.86
N LEU A 323 11.81 -19.26 -5.03
CA LEU A 323 12.11 -17.85 -4.83
C LEU A 323 13.53 -17.67 -4.29
N ASP A 324 13.91 -18.50 -3.33
CA ASP A 324 15.23 -18.41 -2.71
C ASP A 324 16.38 -18.90 -3.61
N SER A 325 16.07 -19.66 -4.66
CA SER A 325 17.10 -20.18 -5.58
C SER A 325 17.07 -19.54 -6.97
N ASP A 326 16.25 -20.03 -7.89
CA ASP A 326 16.06 -19.30 -9.17
C ASP A 326 14.69 -18.60 -9.24
N CYS B 13 3.81 16.52 -7.69
CA CYS B 13 3.10 15.22 -7.56
C CYS B 13 1.66 15.31 -8.07
N ASN B 14 1.27 14.32 -8.85
CA ASN B 14 -0.14 14.09 -9.13
C ASN B 14 -0.62 12.96 -8.22
N PRO B 15 -1.48 13.29 -7.22
CA PRO B 15 -1.97 12.32 -6.23
C PRO B 15 -2.59 11.06 -6.83
N SER B 16 -3.30 11.20 -7.96
CA SER B 16 -3.90 10.04 -8.64
C SER B 16 -2.86 9.21 -9.41
N ASP B 17 -1.63 9.70 -9.48
CA ASP B 17 -0.51 8.91 -10.00
C ASP B 17 0.19 8.09 -8.90
N MET B 18 -0.33 8.16 -7.67
CA MET B 18 0.33 7.50 -6.54
C MET B 18 -0.43 6.25 -6.08
N SER B 19 0.29 5.32 -5.46
CA SER B 19 -0.36 4.21 -4.75
C SER B 19 -0.76 4.69 -3.36
N HIS B 20 -2.04 4.51 -3.01
CA HIS B 20 -2.56 4.92 -1.70
C HIS B 20 -2.81 3.70 -0.84
N GLY B 21 -2.23 3.68 0.36
CA GLY B 21 -2.39 2.56 1.29
C GLY B 21 -3.15 2.96 2.55
N TYR B 22 -3.82 2.00 3.18
CA TYR B 22 -4.62 2.23 4.38
C TYR B 22 -4.45 1.07 5.33
N VAL B 23 -4.15 1.38 6.58
CA VAL B 23 -3.91 0.39 7.61
C VAL B 23 -4.74 0.76 8.82
N THR B 24 -5.57 -0.18 9.27
CA THR B 24 -6.37 -0.01 10.48
C THR B 24 -5.50 -0.37 11.68
N VAL B 25 -5.16 0.61 12.50
CA VAL B 25 -4.33 0.37 13.69
C VAL B 25 -5.12 0.08 14.97
N LYS B 26 -6.38 0.50 14.98
CA LYS B 26 -7.34 0.23 16.05
C LYS B 26 -8.69 0.16 15.37
N PRO B 27 -9.70 -0.45 16.04
CA PRO B 27 -10.99 -0.58 15.36
C PRO B 27 -11.47 0.67 14.62
N ARG B 28 -11.39 1.84 15.23
CA ARG B 28 -11.90 3.02 14.51
C ARG B 28 -10.82 4.01 14.05
N VAL B 29 -9.57 3.56 13.99
CA VAL B 29 -8.47 4.43 13.54
C VAL B 29 -7.69 3.84 12.35
N ARG B 30 -7.75 4.54 11.22
CA ARG B 30 -7.06 4.12 10.00
C ARG B 30 -5.98 5.14 9.67
N LEU B 31 -4.80 4.68 9.28
CA LEU B 31 -3.79 5.59 8.76
C LEU B 31 -3.61 5.42 7.25
N HIS B 32 -3.66 6.54 6.54
CA HIS B 32 -3.44 6.61 5.10
C HIS B 32 -1.99 6.97 4.81
N PHE B 33 -1.44 6.38 3.75
CA PHE B 33 -0.10 6.75 3.28
C PHE B 33 -0.01 6.64 1.77
N VAL B 34 0.96 7.33 1.18
CA VAL B 34 1.31 7.14 -0.22
C VAL B 34 2.61 6.36 -0.28
N GLU B 35 2.73 5.46 -1.23
CA GLU B 35 3.82 4.54 -1.27
C GLU B 35 4.50 4.57 -2.64
N LEU B 36 5.81 4.73 -2.64
CA LEU B 36 6.54 4.74 -3.90
C LEU B 36 7.92 4.12 -3.77
N GLY B 37 8.25 3.23 -4.69
CA GLY B 37 9.60 2.70 -4.77
C GLY B 37 9.81 1.33 -4.15
N SER B 38 10.99 0.77 -4.40
CA SER B 38 11.39 -0.51 -3.84
C SER B 38 12.69 -0.31 -3.07
N GLY B 39 12.91 -1.19 -2.10
CA GLY B 39 14.10 -1.15 -1.28
C GLY B 39 13.71 -1.03 0.18
N PRO B 40 14.65 -0.58 1.04
CA PRO B 40 14.36 -0.47 2.47
C PRO B 40 13.27 0.59 2.72
N ALA B 41 12.40 0.28 3.67
CA ALA B 41 11.27 1.14 4.00
C ALA B 41 11.73 2.41 4.71
N VAL B 42 11.23 3.54 4.23
CA VAL B 42 11.51 4.85 4.81
C VAL B 42 10.16 5.53 5.06
N CYS B 43 9.86 5.80 6.32
CA CYS B 43 8.58 6.34 6.71
C CYS B 43 8.71 7.83 6.95
N LEU B 44 8.00 8.63 6.18
CA LEU B 44 8.04 10.10 6.30
C LEU B 44 6.88 10.62 7.12
N CYS B 45 7.18 11.45 8.12
CA CYS B 45 6.16 11.91 9.06
C CYS B 45 6.15 13.44 9.08
N HIS B 46 5.08 14.03 8.51
CA HIS B 46 4.95 15.49 8.38
C HIS B 46 4.62 16.20 9.70
N GLY B 47 4.63 17.53 9.65
CA GLY B 47 4.31 18.34 10.85
C GLY B 47 2.98 19.07 10.77
N PHE B 48 2.87 20.14 11.56
CA PHE B 48 1.66 20.94 11.67
C PHE B 48 1.75 22.22 10.82
N PRO B 49 0.69 22.53 10.04
CA PRO B 49 -0.45 21.69 9.78
C PRO B 49 -0.35 21.21 8.34
N GLU B 50 0.23 20.02 8.17
CA GLU B 50 0.68 19.66 6.85
C GLU B 50 0.01 18.41 6.28
N SER B 51 0.76 17.60 5.55
CA SER B 51 0.16 16.52 4.73
C SER B 51 1.27 15.59 4.24
N TRP B 52 0.91 14.37 3.81
CA TRP B 52 1.91 13.54 3.12
C TRP B 52 2.51 14.35 1.99
N TYR B 53 1.67 15.21 1.42
CA TYR B 53 2.01 16.02 0.27
C TYR B 53 3.14 17.01 0.54
N SER B 54 3.45 17.32 1.80
CA SER B 54 4.60 18.18 2.11
C SER B 54 5.93 17.49 1.75
N TRP B 55 5.86 16.18 1.56
CA TRP B 55 7.02 15.39 1.15
C TRP B 55 7.08 15.23 -0.36
N ARG B 56 6.25 15.96 -1.11
CA ARG B 56 6.16 15.79 -2.59
C ARG B 56 7.49 15.80 -3.34
N TYR B 57 8.43 16.66 -2.95
CA TYR B 57 9.75 16.69 -3.62
C TYR B 57 10.69 15.56 -3.19
N GLN B 58 10.49 15.06 -1.98
CA GLN B 58 11.32 13.98 -1.47
C GLN B 58 10.87 12.61 -1.96
N ILE B 59 9.56 12.42 -2.12
CA ILE B 59 9.04 11.08 -2.44
C ILE B 59 9.72 10.49 -3.70
N PRO B 60 9.65 11.22 -4.85
CA PRO B 60 10.29 10.66 -6.05
C PRO B 60 11.80 10.54 -5.96
N ALA B 61 12.46 11.46 -5.26
CA ALA B 61 13.92 11.46 -5.18
C ALA B 61 14.42 10.30 -4.34
N LEU B 62 13.74 10.04 -3.21
CA LEU B 62 14.11 8.92 -2.35
C LEU B 62 13.86 7.57 -3.02
N ALA B 63 12.74 7.45 -3.71
CA ALA B 63 12.41 6.24 -4.48
C ALA B 63 13.45 5.97 -5.59
N GLN B 64 13.79 7.02 -6.33
CA GLN B 64 14.84 6.96 -7.36
C GLN B 64 16.20 6.55 -6.76
N ALA B 65 16.43 6.94 -5.52
CA ALA B 65 17.66 6.62 -4.81
C ALA B 65 17.74 5.18 -4.30
N GLY B 66 16.65 4.42 -4.45
CA GLY B 66 16.66 3.01 -4.07
C GLY B 66 15.89 2.71 -2.79
N TYR B 67 14.92 3.56 -2.44
CA TYR B 67 14.13 3.34 -1.22
C TYR B 67 12.63 3.18 -1.46
N ARG B 68 11.99 2.41 -0.59
CA ARG B 68 10.54 2.25 -0.59
C ARG B 68 9.96 3.29 0.35
N VAL B 69 9.31 4.32 -0.22
CA VAL B 69 8.84 5.45 0.57
C VAL B 69 7.38 5.27 0.98
N LEU B 70 7.13 5.47 2.27
CA LEU B 70 5.78 5.51 2.82
C LEU B 70 5.62 6.88 3.46
N ALA B 71 4.96 7.78 2.73
CA ALA B 71 4.69 9.12 3.21
C ALA B 71 3.30 9.16 3.89
N MET B 72 3.29 9.29 5.21
CA MET B 72 2.05 9.30 5.99
C MET B 72 1.18 10.55 5.85
N ASP B 73 -0.13 10.36 5.94
CA ASP B 73 -0.98 11.35 6.59
C ASP B 73 -0.97 11.00 8.07
N MET B 74 -0.42 11.87 8.91
CA MET B 74 -0.39 11.59 10.33
C MET B 74 -1.82 11.60 10.88
N LYS B 75 -2.02 10.97 12.04
CA LYS B 75 -3.34 10.95 12.68
C LYS B 75 -3.85 12.39 12.83
N GLY B 76 -5.11 12.60 12.41
CA GLY B 76 -5.74 13.91 12.42
C GLY B 76 -5.78 14.63 11.09
N TYR B 77 -5.13 14.05 10.07
CA TYR B 77 -4.90 14.73 8.80
C TYR B 77 -5.35 13.94 7.58
N GLY B 78 -5.74 14.68 6.54
CA GLY B 78 -5.98 14.12 5.21
C GLY B 78 -6.96 12.96 5.26
N GLU B 79 -6.54 11.83 4.68
CA GLU B 79 -7.37 10.63 4.65
C GLU B 79 -7.19 9.74 5.87
N SER B 80 -6.32 10.12 6.81
CA SER B 80 -6.22 9.36 8.06
C SER B 80 -7.37 9.75 8.99
N SER B 81 -7.65 8.90 9.97
CA SER B 81 -8.71 9.15 10.96
C SER B 81 -8.34 10.37 11.78
N ALA B 82 -9.38 11.11 12.16
CA ALA B 82 -9.21 12.32 12.97
C ALA B 82 -10.24 12.34 14.09
N PRO B 83 -10.10 11.45 15.10
CA PRO B 83 -11.03 11.47 16.23
C PRO B 83 -10.93 12.80 16.99
N PRO B 84 -12.03 13.24 17.65
CA PRO B 84 -11.96 14.57 18.25
C PRO B 84 -11.24 14.66 19.60
N GLU B 85 -11.08 13.54 20.31
CA GLU B 85 -10.56 13.57 21.69
C GLU B 85 -9.09 13.97 21.79
N ILE B 86 -8.84 14.98 22.63
CA ILE B 86 -7.48 15.48 22.87
C ILE B 86 -6.48 14.35 23.11
N GLU B 87 -6.87 13.41 23.97
CA GLU B 87 -6.05 12.30 24.45
C GLU B 87 -5.62 11.31 23.36
N GLU B 88 -6.29 11.35 22.21
CA GLU B 88 -5.97 10.46 21.10
C GLU B 88 -4.66 10.90 20.39
N TYR B 89 -4.16 12.07 20.77
CA TYR B 89 -3.02 12.70 20.10
C TYR B 89 -1.82 12.96 21.02
N CYS B 90 -1.78 12.25 22.15
CA CYS B 90 -0.60 12.26 22.99
C CYS B 90 0.45 11.37 22.34
N MET B 91 1.71 11.73 22.54
CA MET B 91 2.83 11.09 21.86
C MET B 91 2.84 9.57 22.11
N GLU B 92 2.48 9.16 23.33
CA GLU B 92 2.48 7.73 23.67
C GLU B 92 1.50 6.94 22.78
N VAL B 93 0.34 7.51 22.56
CA VAL B 93 -0.68 6.83 21.76
C VAL B 93 -0.26 6.84 20.28
N LEU B 94 0.23 7.98 19.82
CA LEU B 94 0.61 8.15 18.41
C LEU B 94 1.74 7.20 18.06
N CYS B 95 2.71 7.05 18.96
CA CYS B 95 3.84 6.13 18.75
C CYS B 95 3.42 4.66 18.70
N LYS B 96 2.57 4.25 19.63
CA LYS B 96 2.12 2.86 19.66
C LYS B 96 1.36 2.50 18.39
N GLU B 97 0.57 3.45 17.89
CA GLU B 97 -0.13 3.32 16.61
C GLU B 97 0.82 3.11 15.43
N MET B 98 1.92 3.87 15.41
CA MET B 98 2.95 3.72 14.38
C MET B 98 3.67 2.37 14.46
N VAL B 99 3.77 1.80 15.66
CA VAL B 99 4.33 0.46 15.80
C VAL B 99 3.32 -0.55 15.21
N THR B 100 2.04 -0.38 15.52
CA THR B 100 1.00 -1.24 14.94
C THR B 100 0.96 -1.11 13.42
N PHE B 101 1.22 0.08 12.91
CA PHE B 101 1.30 0.33 11.47
C PHE B 101 2.36 -0.59 10.86
N LEU B 102 3.56 -0.55 11.42
CA LEU B 102 4.63 -1.45 11.00
C LEU B 102 4.22 -2.93 11.10
N ASP B 103 3.61 -3.34 12.21
CA ASP B 103 3.16 -4.73 12.40
C ASP B 103 2.26 -5.20 11.26
N LYS B 104 1.26 -4.40 10.93
CA LYS B 104 0.23 -4.77 9.96
C LYS B 104 0.79 -4.85 8.55
N LEU B 105 1.76 -3.99 8.26
CA LEU B 105 2.49 -4.00 7.00
C LEU B 105 3.56 -5.08 6.92
N GLY B 106 3.83 -5.72 8.05
CA GLY B 106 4.84 -6.79 8.09
C GLY B 106 6.26 -6.29 7.99
N LEU B 107 6.52 -5.12 8.57
CA LEU B 107 7.81 -4.49 8.54
C LEU B 107 8.48 -4.62 9.91
N SER B 108 9.59 -5.33 9.99
CA SER B 108 10.34 -5.43 11.26
C SER B 108 10.92 -4.07 11.67
N GLN B 109 11.46 -3.32 10.71
CA GLN B 109 12.00 -1.99 10.96
C GLN B 109 11.65 -1.06 9.80
N ALA B 110 11.66 0.24 10.07
CA ALA B 110 11.68 1.24 9.00
C ALA B 110 12.62 2.36 9.41
N VAL B 111 13.15 3.09 8.43
CA VAL B 111 13.86 4.33 8.74
C VAL B 111 12.72 5.32 8.96
N PHE B 112 12.81 6.12 10.02
CA PHE B 112 11.80 7.15 10.27
C PHE B 112 12.40 8.54 10.07
N ILE B 113 11.76 9.34 9.23
CA ILE B 113 12.20 10.71 8.96
C ILE B 113 11.00 11.63 9.23
N GLY B 114 11.20 12.58 10.15
CA GLY B 114 10.14 13.47 10.54
C GLY B 114 10.52 14.92 10.44
N HIS B 115 9.50 15.78 10.38
CA HIS B 115 9.69 17.21 10.37
C HIS B 115 8.66 17.79 11.33
N ASP B 116 9.07 18.79 12.11
CA ASP B 116 8.15 19.50 13.01
C ASP B 116 7.50 18.54 14.03
N TRP B 117 6.17 18.50 14.17
CA TRP B 117 5.57 17.52 15.09
C TRP B 117 5.92 16.06 14.74
N GLY B 118 6.08 15.80 13.44
CA GLY B 118 6.48 14.46 12.97
C GLY B 118 7.91 14.17 13.38
N GLY B 119 8.71 15.24 13.47
CA GLY B 119 10.07 15.16 14.04
C GLY B 119 10.08 14.75 15.50
N MET B 120 9.22 15.37 16.31
CA MET B 120 9.06 14.94 17.71
C MET B 120 8.67 13.46 17.79
N LEU B 121 7.71 13.06 16.98
CA LEU B 121 7.26 11.67 16.93
C LEU B 121 8.41 10.69 16.63
N VAL B 122 9.22 10.98 15.62
CA VAL B 122 10.30 10.05 15.26
C VAL B 122 11.37 9.96 16.34
N TRP B 123 11.65 11.07 17.05
CA TRP B 123 12.52 10.99 18.22
C TRP B 123 11.96 10.02 19.28
N TYR B 124 10.66 10.12 19.59
CA TYR B 124 10.08 9.19 20.56
C TYR B 124 10.00 7.74 20.06
N MET B 125 9.81 7.55 18.76
CA MET B 125 9.90 6.22 18.15
C MET B 125 11.29 5.64 18.35
N ALA B 126 12.32 6.45 18.09
CA ALA B 126 13.68 5.95 18.19
C ALA B 126 14.06 5.67 19.65
N LEU B 127 13.50 6.46 20.56
CA LEU B 127 13.75 6.37 21.99
C LEU B 127 13.07 5.17 22.65
N PHE B 128 11.78 5.01 22.40
CA PHE B 128 11.01 3.96 23.05
C PHE B 128 10.85 2.69 22.22
N TYR B 129 11.08 2.78 20.91
CA TYR B 129 10.98 1.59 20.03
C TYR B 129 12.16 1.46 19.07
N PRO B 130 13.40 1.48 19.62
CA PRO B 130 14.57 1.46 18.73
C PRO B 130 14.63 0.18 17.90
N GLU B 131 14.07 -0.92 18.42
CA GLU B 131 14.06 -2.18 17.69
C GLU B 131 13.27 -2.11 16.38
N ARG B 132 12.33 -1.16 16.30
CA ARG B 132 11.50 -0.96 15.09
C ARG B 132 12.04 0.16 14.18
N VAL B 133 13.06 0.88 14.64
CA VAL B 133 13.57 2.06 13.92
C VAL B 133 14.97 1.76 13.43
N ARG B 134 15.12 1.55 12.12
CA ARG B 134 16.42 1.24 11.54
C ARG B 134 17.38 2.41 11.75
N ALA B 135 16.83 3.62 11.57
CA ALA B 135 17.60 4.87 11.64
C ALA B 135 16.61 6.01 11.71
N VAL B 136 17.02 7.15 12.26
CA VAL B 136 16.11 8.27 12.54
C VAL B 136 16.70 9.60 12.10
N ALA B 137 15.87 10.41 11.45
CA ALA B 137 16.27 11.73 10.98
C ALA B 137 15.15 12.70 11.26
N SER B 138 15.52 13.88 11.74
CA SER B 138 14.54 14.94 12.01
C SER B 138 14.94 16.22 11.29
N LEU B 139 13.95 16.86 10.66
CA LEU B 139 14.12 18.18 10.10
C LEU B 139 13.60 19.22 11.09
N ASN B 140 14.50 20.08 11.58
CA ASN B 140 14.16 21.23 12.45
C ASN B 140 13.96 20.89 13.94
N THR B 141 13.28 19.78 14.20
CA THR B 141 12.87 19.44 15.57
C THR B 141 14.00 18.75 16.33
N PRO B 142 14.44 19.37 17.45
CA PRO B 142 15.50 18.71 18.21
C PRO B 142 14.92 17.64 19.12
N PHE B 143 15.80 16.84 19.69
CA PHE B 143 15.43 15.96 20.79
C PHE B 143 16.16 16.45 22.03
N ILE B 144 15.39 16.91 23.02
CA ILE B 144 15.94 17.25 24.32
C ILE B 144 15.24 16.40 25.38
N PRO B 145 16.01 15.54 26.08
CA PRO B 145 15.45 14.71 27.15
C PRO B 145 14.60 15.50 28.14
N ALA B 146 13.55 14.88 28.65
CA ALA B 146 12.64 15.53 29.58
C ALA B 146 13.37 16.00 30.84
N ASN B 147 13.07 17.23 31.25
CA ASN B 147 13.57 17.79 32.49
C ASN B 147 12.56 17.51 33.61
N PRO B 148 12.93 16.64 34.57
CA PRO B 148 12.02 16.21 35.64
C PRO B 148 11.61 17.35 36.58
N ASN B 149 12.36 18.45 36.57
CA ASN B 149 12.05 19.60 37.40
C ASN B 149 11.01 20.53 36.77
N MET B 150 11.36 21.12 35.62
CA MET B 150 10.49 22.07 34.92
C MET B 150 9.41 21.34 34.11
N SER B 151 8.16 21.78 34.28
CA SER B 151 7.05 21.31 33.45
C SER B 151 7.14 21.93 32.05
N PRO B 152 6.45 21.32 31.06
CA PRO B 152 6.42 21.90 29.70
C PRO B 152 5.75 23.27 29.68
N LEU B 153 4.75 23.44 30.55
CA LEU B 153 4.01 24.70 30.71
C LEU B 153 4.92 25.82 31.23
N GLU B 154 5.79 25.49 32.18
CA GLU B 154 6.78 26.42 32.72
C GLU B 154 7.84 26.80 31.68
N SER B 155 8.17 25.87 30.80
CA SER B 155 9.15 26.11 29.72
C SER B 155 8.63 27.04 28.62
N ILE B 156 7.33 26.94 28.34
CA ILE B 156 6.66 27.85 27.41
C ILE B 156 6.61 29.28 28.00
N LYS B 157 6.50 29.35 29.32
CA LYS B 157 6.48 30.61 30.06
C LYS B 157 7.86 31.30 30.06
N ALA B 158 8.92 30.50 29.95
CA ALA B 158 10.29 31.02 29.88
C ALA B 158 10.59 31.68 28.52
N ASN B 159 10.49 30.90 27.45
CA ASN B 159 10.74 31.38 26.09
C ASN B 159 9.49 31.98 25.46
N PRO B 160 9.46 33.31 25.23
CA PRO B 160 8.26 34.01 24.75
C PRO B 160 7.88 33.76 23.28
N VAL B 161 8.72 33.01 22.56
CA VAL B 161 8.48 32.73 21.13
C VAL B 161 7.39 31.66 20.90
N PHE B 162 6.99 30.98 21.98
CA PHE B 162 5.98 29.93 21.93
C PHE B 162 4.60 30.36 22.49
N ASP B 163 4.28 31.65 22.39
CA ASP B 163 2.99 32.18 22.87
C ASP B 163 1.80 31.64 22.07
N TYR B 164 1.99 31.48 20.76
CA TYR B 164 1.00 30.85 19.88
C TYR B 164 0.54 29.49 20.43
N GLN B 165 1.46 28.80 21.11
CA GLN B 165 1.18 27.49 21.70
C GLN B 165 0.11 27.57 22.77
N LEU B 166 0.17 28.61 23.61
CA LEU B 166 -0.87 28.87 24.60
C LEU B 166 -2.21 29.13 23.92
N TYR B 167 -2.18 29.93 22.86
CA TYR B 167 -3.38 30.26 22.08
C TYR B 167 -4.02 28.98 21.49
N PHE B 168 -3.17 28.00 21.15
CA PHE B 168 -3.61 26.71 20.61
C PHE B 168 -4.26 25.79 21.64
N GLN B 169 -4.22 26.14 22.92
CA GLN B 169 -4.64 25.21 23.98
C GLN B 169 -6.16 25.01 24.14
N GLU B 170 -6.92 26.11 24.19
CA GLU B 170 -8.37 26.01 24.40
C GLU B 170 -9.07 25.49 23.14
N PRO B 171 -9.75 24.32 23.23
CA PRO B 171 -10.39 23.72 22.06
C PRO B 171 -11.49 24.61 21.48
N GLY B 172 -11.49 24.74 20.16
CA GLY B 172 -12.48 25.53 19.44
C GLY B 172 -11.97 26.88 18.98
N VAL B 173 -11.03 27.45 19.72
CA VAL B 173 -10.54 28.81 19.47
C VAL B 173 -9.68 28.94 18.22
N ALA B 174 -8.52 28.29 18.21
CA ALA B 174 -7.63 28.36 17.04
C ALA B 174 -8.30 27.69 15.82
N GLU B 175 -9.09 26.65 16.07
CA GLU B 175 -9.86 25.97 15.00
C GLU B 175 -10.67 26.96 14.18
N ALA B 176 -11.52 27.74 14.86
CA ALA B 176 -12.42 28.67 14.19
C ALA B 176 -11.66 29.70 13.35
N GLU B 177 -10.49 30.13 13.82
CA GLU B 177 -9.66 31.09 13.08
C GLU B 177 -8.95 30.45 11.86
N LEU B 178 -8.38 29.26 12.05
CA LEU B 178 -7.71 28.54 10.97
C LEU B 178 -8.69 27.99 9.92
N GLU B 179 -9.89 27.61 10.36
CA GLU B 179 -10.91 27.08 9.44
C GLU B 179 -11.71 28.14 8.67
N GLN B 180 -11.74 29.37 9.18
CA GLN B 180 -12.50 30.48 8.58
C GLN B 180 -12.29 30.65 7.07
N ASN B 181 -11.03 30.70 6.66
CA ASN B 181 -10.67 30.84 5.26
C ASN B 181 -9.40 30.01 5.01
N LEU B 182 -9.61 28.78 4.56
CA LEU B 182 -8.53 27.80 4.43
C LEU B 182 -7.43 28.26 3.52
N SER B 183 -7.82 28.87 2.40
CA SER B 183 -6.87 29.42 1.43
C SER B 183 -5.96 30.50 2.05
N ARG B 184 -6.56 31.44 2.78
CA ARG B 184 -5.81 32.47 3.50
C ARG B 184 -4.90 31.83 4.57
N THR B 185 -5.43 30.85 5.30
CA THR B 185 -4.67 30.11 6.30
C THR B 185 -3.37 29.60 5.68
N PHE B 186 -3.46 28.80 4.62
CA PHE B 186 -2.27 28.19 4.03
C PHE B 186 -1.33 29.15 3.31
N LYS B 187 -1.88 30.16 2.65
CA LYS B 187 -1.06 31.20 2.04
C LYS B 187 -0.30 32.05 3.08
N SER B 188 -0.93 32.27 4.24
CA SER B 188 -0.30 33.03 5.34
C SER B 188 0.80 32.23 6.04
N LEU B 189 0.59 30.91 6.13
CA LEU B 189 1.53 30.01 6.79
C LEU B 189 2.72 29.65 5.92
N PHE B 190 2.44 29.13 4.72
CA PHE B 190 3.48 28.56 3.87
C PHE B 190 4.24 29.65 3.12
N ARG B 191 5.18 30.28 3.82
CA ARG B 191 5.94 31.39 3.25
C ARG B 191 7.40 31.26 3.66
N ALA B 192 8.32 31.72 2.80
CA ALA B 192 9.74 31.80 3.19
C ALA B 192 9.89 32.78 4.35
N SER B 193 11.00 32.69 5.09
CA SER B 193 11.17 33.50 6.30
C SER B 193 11.16 35.02 6.03
N ASP B 194 11.73 35.44 4.92
CA ASP B 194 11.73 36.86 4.51
C ASP B 194 10.35 37.33 4.04
N GLU B 195 9.43 36.40 3.82
CA GLU B 195 8.10 36.72 3.29
C GLU B 195 7.05 36.69 4.39
N SER B 196 7.45 36.42 5.61
CA SER B 196 6.48 36.07 6.65
C SER B 196 5.65 37.26 7.13
N VAL B 197 4.35 37.01 7.28
CA VAL B 197 3.40 38.06 7.63
C VAL B 197 2.80 37.86 9.03
N LEU B 198 3.39 36.96 9.82
CA LEU B 198 2.78 36.55 11.08
C LEU B 198 3.56 36.93 12.34
N SER B 199 2.80 37.30 13.37
CA SER B 199 3.35 37.65 14.68
C SER B 199 3.34 36.41 15.57
N MET B 200 4.47 35.70 15.62
CA MET B 200 4.61 34.48 16.42
C MET B 200 4.98 34.78 17.86
N HIS B 201 5.58 35.96 18.08
CA HIS B 201 6.03 36.40 19.40
C HIS B 201 4.86 36.59 20.38
N LYS B 202 3.82 37.28 19.94
CA LYS B 202 2.64 37.55 20.80
C LYS B 202 1.32 37.42 20.04
N VAL B 203 0.55 36.39 20.39
CA VAL B 203 -0.66 36.00 19.67
C VAL B 203 -1.91 36.10 20.54
N CYS B 204 -1.81 35.57 21.76
CA CYS B 204 -2.96 35.47 22.65
C CYS B 204 -3.46 36.84 23.12
N GLU B 205 -2.53 37.76 23.37
CA GLU B 205 -2.85 39.14 23.74
C GLU B 205 -3.69 39.85 22.66
N ALA B 206 -3.25 39.76 21.41
CA ALA B 206 -3.90 40.41 20.28
C ALA B 206 -5.30 39.87 19.95
N GLY B 207 -5.55 38.60 20.29
CA GLY B 207 -6.80 37.94 19.96
C GLY B 207 -6.80 37.51 18.50
N GLY B 208 -5.90 36.59 18.16
CA GLY B 208 -5.78 36.09 16.79
C GLY B 208 -4.35 35.93 16.30
N LEU B 209 -4.15 34.95 15.43
CA LEU B 209 -2.86 34.68 14.80
C LEU B 209 -2.76 35.42 13.46
N PHE B 210 -3.92 35.69 12.86
CA PHE B 210 -3.99 36.38 11.58
C PHE B 210 -4.61 37.78 11.70
N VAL B 211 -4.83 38.24 12.94
CA VAL B 211 -5.54 39.52 13.22
C VAL B 211 -4.91 40.74 12.54
N ASN B 212 -3.57 40.79 12.51
CA ASN B 212 -2.83 41.88 11.90
C ASN B 212 -2.50 41.65 10.43
N SER B 213 -2.47 40.37 10.03
CA SER B 213 -1.97 39.96 8.72
C SER B 213 -2.97 40.22 7.58
N PRO B 214 -2.46 40.38 6.34
CA PRO B 214 -3.26 40.68 5.15
C PRO B 214 -4.45 39.74 4.96
N GLU B 215 -5.60 40.33 4.64
CA GLU B 215 -6.82 39.55 4.37
C GLU B 215 -6.71 38.75 3.07
N GLU B 216 -5.90 39.26 2.14
CA GLU B 216 -5.64 38.58 0.88
C GLU B 216 -4.12 38.46 0.65
N PRO B 217 -3.45 37.54 1.39
CA PRO B 217 -2.01 37.39 1.24
C PRO B 217 -1.62 37.01 -0.17
N SER B 218 -0.44 37.47 -0.59
CA SER B 218 0.15 37.05 -1.84
C SER B 218 0.59 35.58 -1.74
N LEU B 219 1.05 35.06 -2.87
CA LEU B 219 1.52 33.69 -2.96
C LEU B 219 3.03 33.67 -2.75
N SER B 220 3.48 32.96 -1.71
CA SER B 220 4.91 32.79 -1.50
C SER B 220 5.58 32.25 -2.74
N ARG B 221 6.84 32.63 -2.96
CA ARG B 221 7.64 32.06 -4.05
C ARG B 221 7.83 30.54 -3.89
N MET B 222 7.49 30.01 -2.71
CA MET B 222 7.66 28.59 -2.42
C MET B 222 6.58 27.72 -3.04
N VAL B 223 5.39 28.28 -3.24
CA VAL B 223 4.22 27.48 -3.61
C VAL B 223 3.44 28.07 -4.78
N THR B 224 2.78 27.19 -5.52
CA THR B 224 1.85 27.61 -6.57
C THR B 224 0.43 27.61 -5.99
N GLU B 225 -0.50 28.22 -6.71
CA GLU B 225 -1.91 28.18 -6.31
C GLU B 225 -2.41 26.72 -6.24
N GLU B 226 -1.96 25.91 -7.18
CA GLU B 226 -2.40 24.51 -7.25
C GLU B 226 -2.00 23.74 -5.99
N GLU B 227 -0.78 24.00 -5.51
CA GLU B 227 -0.29 23.35 -4.28
C GLU B 227 -1.08 23.80 -3.06
N ILE B 228 -1.34 25.10 -2.96
CA ILE B 228 -2.16 25.63 -1.86
C ILE B 228 -3.55 24.99 -1.87
N GLN B 229 -4.15 24.86 -3.05
CA GLN B 229 -5.50 24.32 -3.12
C GLN B 229 -5.58 22.84 -2.75
N PHE B 230 -4.47 22.11 -2.89
CA PHE B 230 -4.43 20.73 -2.40
C PHE B 230 -4.59 20.66 -0.88
N TYR B 231 -3.82 21.47 -0.15
CA TYR B 231 -3.94 21.53 1.29
C TYR B 231 -5.34 21.96 1.70
N VAL B 232 -5.88 22.96 1.02
CA VAL B 232 -7.25 23.41 1.30
C VAL B 232 -8.23 22.22 1.21
N GLN B 233 -8.15 21.45 0.14
CA GLN B 233 -9.06 20.32 -0.06
C GLN B 233 -8.89 19.25 1.04
N GLN B 234 -7.65 18.95 1.41
CA GLN B 234 -7.39 17.97 2.48
C GLN B 234 -8.01 18.36 3.82
N PHE B 235 -7.91 19.65 4.15
CA PHE B 235 -8.37 20.14 5.45
C PHE B 235 -9.89 20.39 5.50
N LYS B 236 -10.55 20.24 4.36
CA LYS B 236 -12.02 20.29 4.34
C LYS B 236 -12.65 19.07 5.01
N LYS B 237 -11.97 17.92 4.98
CA LYS B 237 -12.56 16.70 5.53
C LYS B 237 -12.67 16.72 7.07
N SER B 238 -11.57 17.04 7.75
CA SER B 238 -11.56 16.97 9.21
C SER B 238 -11.25 18.28 9.93
N GLY B 239 -10.78 19.29 9.20
CA GLY B 239 -10.46 20.59 9.80
C GLY B 239 -9.24 20.57 10.70
N PHE B 240 -9.23 21.48 11.68
CA PHE B 240 -8.02 21.71 12.48
C PHE B 240 -8.01 21.08 13.88
N ARG B 241 -9.13 20.50 14.31
CA ARG B 241 -9.22 19.96 15.66
C ARG B 241 -8.15 18.89 15.94
N GLY B 242 -8.09 17.87 15.08
CA GLY B 242 -7.08 16.81 15.22
C GLY B 242 -5.65 17.35 15.18
N PRO B 243 -5.31 18.14 14.16
CA PRO B 243 -4.00 18.74 14.09
C PRO B 243 -3.67 19.56 15.34
N LEU B 244 -4.59 20.43 15.76
CA LEU B 244 -4.34 21.20 16.98
C LEU B 244 -4.20 20.34 18.23
N ASN B 245 -4.86 19.17 18.25
CA ASN B 245 -4.75 18.30 19.41
C ASN B 245 -3.33 17.82 19.72
N TRP B 246 -2.48 17.77 18.70
CA TRP B 246 -1.07 17.44 18.88
C TRP B 246 -0.38 18.36 19.92
N TYR B 247 -0.85 19.60 19.99
CA TYR B 247 -0.33 20.62 20.93
C TYR B 247 -0.95 20.56 22.33
N ARG B 248 -1.97 19.74 22.53
CA ARG B 248 -2.78 19.79 23.75
C ARG B 248 -2.48 18.67 24.75
N ASN B 249 -1.29 18.09 24.65
CA ASN B 249 -0.90 16.95 25.48
C ASN B 249 0.46 17.14 26.13
N MET B 250 0.81 18.39 26.40
CA MET B 250 2.16 18.72 26.88
C MET B 250 2.52 17.98 28.16
N GLU B 251 1.63 18.02 29.15
CA GLU B 251 1.86 17.34 30.45
C GLU B 251 1.98 15.83 30.32
N ARG B 252 1.09 15.20 29.55
CA ARG B 252 1.16 13.75 29.28
C ARG B 252 2.44 13.34 28.58
N ASN B 253 2.83 14.13 27.58
CA ASN B 253 4.05 13.88 26.81
C ASN B 253 5.28 13.94 27.68
N TRP B 254 5.30 14.94 28.58
CA TRP B 254 6.37 15.10 29.57
C TRP B 254 6.42 13.90 30.52
N LYS B 255 5.27 13.49 31.04
CA LYS B 255 5.19 12.31 31.92
C LYS B 255 5.67 11.03 31.24
N TRP B 256 5.34 10.85 29.95
CA TRP B 256 5.84 9.69 29.19
C TRP B 256 7.34 9.79 28.96
N ALA B 257 7.81 10.97 28.55
CA ALA B 257 9.23 11.17 28.28
C ALA B 257 10.10 10.87 29.51
N CYS B 258 9.58 11.21 30.70
CA CYS B 258 10.27 10.92 31.95
C CYS B 258 10.45 9.41 32.21
N LYS B 259 9.50 8.61 31.71
CA LYS B 259 9.58 7.16 31.82
C LYS B 259 10.77 6.53 31.06
N SER B 260 11.49 7.33 30.27
CA SER B 260 12.67 6.83 29.57
C SER B 260 13.82 6.59 30.54
N LEU B 261 13.80 7.31 31.66
CA LEU B 261 14.79 7.20 32.73
C LEU B 261 16.19 7.46 32.22
N GLY B 262 16.32 8.58 31.50
CA GLY B 262 17.59 9.00 30.92
C GLY B 262 18.27 8.02 29.98
N ARG B 263 17.55 7.04 29.44
CA ARG B 263 18.13 6.13 28.45
C ARG B 263 18.50 6.91 27.19
N LYS B 264 19.50 6.44 26.46
CA LYS B 264 19.98 7.10 25.24
C LYS B 264 19.33 6.52 24.00
N ILE B 265 19.44 7.25 22.88
CA ILE B 265 19.15 6.70 21.55
C ILE B 265 20.45 6.18 20.95
N LEU B 266 20.48 4.88 20.68
CA LEU B 266 21.73 4.23 20.24
C LEU B 266 21.79 3.92 18.74
N ILE B 267 20.67 4.13 18.05
CA ILE B 267 20.58 3.82 16.61
C ILE B 267 21.16 4.98 15.77
N PRO B 268 21.43 4.75 14.47
CA PRO B 268 21.90 5.89 13.65
C PRO B 268 20.86 7.01 13.59
N ALA B 269 21.34 8.25 13.67
CA ALA B 269 20.46 9.40 13.78
C ALA B 269 21.03 10.63 13.09
N LEU B 270 20.15 11.42 12.49
CA LEU B 270 20.51 12.65 11.78
C LEU B 270 19.63 13.82 12.23
N MET B 271 20.27 14.93 12.58
CA MET B 271 19.60 16.15 12.96
C MET B 271 19.87 17.23 11.90
N VAL B 272 18.82 17.66 11.20
CA VAL B 272 18.95 18.69 10.14
C VAL B 272 18.37 20.00 10.64
N THR B 273 19.20 21.03 10.72
CA THR B 273 18.73 22.32 11.21
C THR B 273 18.48 23.29 10.05
N ALA B 274 17.59 24.26 10.27
CA ALA B 274 17.23 25.26 9.26
C ALA B 274 17.54 26.66 9.80
N GLU B 275 18.47 27.35 9.14
CA GLU B 275 18.97 28.67 9.57
C GLU B 275 17.85 29.65 9.93
N LYS B 276 16.83 29.71 9.09
CA LYS B 276 15.79 30.74 9.24
C LYS B 276 14.47 30.25 9.83
N ASP B 277 14.48 29.08 10.47
CA ASP B 277 13.33 28.66 11.25
C ASP B 277 13.40 29.38 12.61
N PHE B 278 12.44 30.26 12.85
CA PHE B 278 12.43 31.11 14.05
C PHE B 278 11.63 30.49 15.19
N VAL B 279 10.97 29.36 14.93
CA VAL B 279 10.30 28.65 16.02
C VAL B 279 11.16 27.47 16.49
N LEU B 280 11.62 26.64 15.56
CA LEU B 280 12.54 25.56 15.91
C LEU B 280 13.94 25.99 15.47
N VAL B 281 14.57 26.81 16.31
CA VAL B 281 15.83 27.48 15.98
C VAL B 281 16.98 26.48 16.05
N PRO B 282 18.00 26.61 15.17
CA PRO B 282 19.13 25.65 15.19
C PRO B 282 19.82 25.45 16.56
N GLN B 283 19.92 26.51 17.37
CA GLN B 283 20.54 26.40 18.71
C GLN B 283 19.79 25.46 19.67
N MET B 284 18.51 25.25 19.42
CA MET B 284 17.74 24.34 20.26
C MET B 284 18.26 22.89 20.20
N SER B 285 19.07 22.59 19.18
CA SER B 285 19.63 21.25 19.01
C SER B 285 21.07 21.08 19.51
N GLN B 286 21.69 22.15 20.02
CA GLN B 286 23.16 22.26 20.16
C GLN B 286 23.88 21.21 21.03
N HIS B 287 23.20 20.68 22.06
CA HIS B 287 23.86 19.69 22.92
C HIS B 287 23.36 18.26 22.73
N MET B 288 22.79 17.97 21.56
CA MET B 288 22.16 16.67 21.32
C MET B 288 23.07 15.43 21.32
N GLU B 289 24.36 15.63 21.07
CA GLU B 289 25.32 14.51 21.05
C GLU B 289 25.53 13.81 22.41
N ASP B 290 25.06 14.44 23.50
CA ASP B 290 25.21 13.91 24.86
C ASP B 290 24.22 12.81 25.18
N TRP B 291 23.14 12.75 24.40
CA TRP B 291 22.12 11.73 24.60
C TRP B 291 21.92 10.89 23.34
N ILE B 292 22.72 11.21 22.31
CA ILE B 292 22.75 10.53 21.01
C ILE B 292 24.21 10.57 20.52
N PRO B 293 25.06 9.64 20.99
CA PRO B 293 26.53 9.65 20.78
C PRO B 293 26.99 9.89 19.33
N HIS B 294 26.50 9.04 18.44
CA HIS B 294 26.82 8.93 17.02
C HIS B 294 26.21 10.02 16.14
N LEU B 295 25.25 10.78 16.67
CA LEU B 295 24.48 11.77 15.91
C LEU B 295 25.21 12.41 14.73
N LYS B 296 24.59 12.37 13.56
CA LYS B 296 25.07 13.11 12.40
C LYS B 296 24.23 14.37 12.19
N ARG B 297 24.80 15.33 11.46
CA ARG B 297 24.17 16.63 11.29
C ARG B 297 24.12 17.09 9.85
N GLY B 298 23.07 17.84 9.54
CA GLY B 298 22.95 18.61 8.32
C GLY B 298 22.49 20.00 8.74
N HIS B 299 22.70 21.00 7.88
CA HIS B 299 22.24 22.35 8.17
C HIS B 299 21.92 23.02 6.85
N ILE B 300 20.76 23.68 6.77
CA ILE B 300 20.39 24.32 5.52
C ILE B 300 20.28 25.82 5.72
N GLU B 301 21.14 26.52 5.00
CA GLU B 301 21.18 27.97 5.00
C GLU B 301 20.01 28.52 4.20
N ASP B 302 19.57 29.72 4.58
CA ASP B 302 18.46 30.40 3.89
C ASP B 302 17.18 29.55 3.87
N CYS B 303 17.01 28.74 4.91
CA CYS B 303 15.88 27.83 4.99
C CYS B 303 14.99 28.17 6.17
N GLY B 304 13.72 28.44 5.90
CA GLY B 304 12.77 28.74 6.96
C GLY B 304 12.15 27.48 7.53
N HIS B 305 10.98 27.63 8.13
CA HIS B 305 10.37 26.51 8.83
C HIS B 305 9.88 25.37 7.93
N TRP B 306 9.42 25.71 6.71
CA TRP B 306 8.80 24.74 5.78
C TRP B 306 9.86 24.08 4.91
N THR B 307 10.74 23.34 5.56
CA THR B 307 12.03 22.89 5.02
C THR B 307 11.93 22.18 3.67
N GLN B 308 11.02 21.22 3.58
CA GLN B 308 10.86 20.40 2.37
C GLN B 308 10.48 21.22 1.14
N MET B 309 9.67 22.25 1.37
CA MET B 309 9.15 23.17 0.35
C MET B 309 10.13 24.28 0.02
N ASP B 310 10.87 24.70 1.04
CA ASP B 310 11.77 25.86 0.93
C ASP B 310 13.03 25.46 0.19
N LYS B 311 13.65 24.38 0.64
CA LYS B 311 14.93 23.92 0.10
C LYS B 311 14.92 22.42 -0.27
N PRO B 312 14.01 22.02 -1.18
CA PRO B 312 13.85 20.59 -1.50
C PRO B 312 15.11 19.91 -2.05
N THR B 313 15.88 20.63 -2.88
CA THR B 313 17.14 20.07 -3.40
C THR B 313 18.11 19.74 -2.28
N GLU B 314 18.26 20.65 -1.32
CA GLU B 314 19.20 20.47 -0.23
C GLU B 314 18.74 19.33 0.68
N VAL B 315 17.44 19.33 1.01
CA VAL B 315 16.86 18.25 1.81
C VAL B 315 17.15 16.91 1.16
N ASN B 316 16.85 16.78 -0.13
CA ASN B 316 17.03 15.52 -0.87
C ASN B 316 18.49 15.06 -0.80
N GLN B 317 19.41 16.00 -1.03
CA GLN B 317 20.84 15.73 -1.01
C GLN B 317 21.28 15.22 0.34
N ILE B 318 20.87 15.92 1.39
CA ILE B 318 21.23 15.57 2.77
C ILE B 318 20.67 14.19 3.15
N LEU B 319 19.39 13.97 2.87
CA LEU B 319 18.75 12.69 3.24
C LEU B 319 19.31 11.50 2.46
N ILE B 320 19.46 11.64 1.15
CA ILE B 320 20.03 10.54 0.34
C ILE B 320 21.45 10.15 0.77
N LYS B 321 22.32 11.15 0.93
CA LYS B 321 23.68 10.92 1.46
C LYS B 321 23.66 10.14 2.77
N TRP B 322 22.78 10.55 3.70
CA TRP B 322 22.73 9.93 5.02
C TRP B 322 22.18 8.53 4.96
N LEU B 323 21.06 8.35 4.24
CA LEU B 323 20.49 7.02 4.03
C LEU B 323 21.49 6.02 3.45
N ASP B 324 22.23 6.44 2.43
CA ASP B 324 23.19 5.57 1.72
C ASP B 324 24.41 5.18 2.59
N SER B 325 24.75 6.00 3.58
CA SER B 325 25.88 5.72 4.47
C SER B 325 25.46 5.02 5.78
N ASP B 326 24.33 5.45 6.34
CA ASP B 326 23.88 4.99 7.66
C ASP B 326 22.52 4.27 7.59
C1 S38 C . -8.59 -22.14 -18.94
C2 S38 C . -7.64 -21.24 -18.49
C3 S38 C . -7.71 -20.66 -17.25
C4 S38 C . -8.75 -20.98 -16.41
C5 S38 C . -9.70 -21.88 -16.86
C6 S38 C . -9.63 -22.46 -18.10
C7 S38 C . -10.85 -22.27 -16.04
N8 S38 C . -10.64 -22.49 -14.70
C9 S38 C . -11.61 -23.28 -14.04
C10 S38 C . -12.64 -22.62 -13.18
C11 S38 C . -11.62 -23.50 -12.56
C12 S38 C . -14.07 -23.02 -13.17
C13 S38 C . -14.61 -23.87 -14.11
C14 S38 C . -15.93 -24.23 -14.09
C15 S38 C . -16.76 -23.73 -13.11
C16 S38 C . -16.24 -22.88 -12.17
C17 S38 C . -14.92 -22.53 -12.20
O18 S38 C . -11.91 -22.36 -16.63
C19 S38 C . -6.58 -20.92 -19.38
N20 S38 C . -5.72 -20.64 -20.10
C1 S38 D . 7.02 22.60 18.91
C2 S38 D . 7.15 21.31 18.44
C3 S38 D . 6.66 20.94 17.20
C4 S38 D . 6.04 21.88 16.42
C5 S38 D . 5.93 23.16 16.89
C6 S38 D . 6.41 23.54 18.13
C7 S38 D . 5.27 24.17 16.08
N8 S38 D . 5.47 24.16 14.74
C9 S38 D . 5.09 25.34 14.02
C10 S38 D . 3.83 25.36 13.21
C11 S38 D . 5.16 25.51 12.54
C12 S38 D . 2.90 26.50 13.30
C13 S38 D . 2.97 27.42 14.33
C14 S38 D . 2.08 28.47 14.40
C15 S38 D . 1.10 28.62 13.43
C16 S38 D . 1.04 27.70 12.41
C17 S38 D . 1.93 26.67 12.34
O18 S38 D . 4.55 24.97 16.66
C19 S38 D . 7.77 20.34 19.24
N20 S38 D . 8.26 19.53 19.92
#